data_7N2P
#
_entry.id   7N2P
#
_cell.length_a   54.925
_cell.length_b   93.992
_cell.length_c   177.774
_cell.angle_alpha   90.000
_cell.angle_beta   90.000
_cell.angle_gamma   90.000
#
_symmetry.space_group_name_H-M   'P 21 21 21'
#
loop_
_entity.id
_entity.type
_entity.pdbx_description
1 polymer 'Human leukocyte antigen (HLA) B27'
2 polymer Beta-2-microglobulin
3 polymer 'Ribonuclease H2 subunit B'
4 polymer 'AS4.3 T cell receptor alpha chain'
5 polymer 'AS4.3 T cell receptor beta chain'
6 non-polymer GLYCEROL
7 non-polymer 2-acetamido-2-deoxy-beta-D-glucopyranose
8 non-polymer 'SULFATE ION'
9 water water
#
loop_
_entity_poly.entity_id
_entity_poly.type
_entity_poly.pdbx_seq_one_letter_code
_entity_poly.pdbx_strand_id
1 'polypeptide(L)'
;GSHSMRYFHTSVSRPGRGEPRFITVGYVDDTLFVRFDSDAASPREEPRAPWIEQEGPEYWDRETQISKAKAQTDREDLRT
LLRYYNQSEAGSHTLQNMYGCDVGPDGRLLRGYHQDAYDGKDYIALNEDLSSWTAADTAAQITQRKWEAARVAEQLRAYL
EGECVEWLRRYLENGKETLQRADPPKTHVTHHPISDHEATLRCWALGFYPAEITLTWQRDGEDQTQDTELVETRPAGDRT
FQKWAAVVVPSGEEQRYTCHVQHEGLPKPLTLRWEPSS
;
A
2 'polypeptide(L)'
;MIQRTPKIQVYSRHPAENGKSNFLNCYVSGFHPSDIEVDLLKNGERIEKVEHSDLSFSKDWSFYLLYYTEFTPTEKDEYA
CRVNHVTLSQPKIVKWDRDM
;
B
3 'polypeptide(L)' GQVMVVAPR C
4 'polypeptide(L)'
;KQEVTQIPAALSVPEGENLVLNCSFTDSAIYNLQWFRQDPGKGLTSLLLIQSSQREQTSGRLNASLDKSSGRSTLYIAAS
QPGDSATYLCAVSNFNKFYFGSGTKLNVKPNIQNPDPAVYQLRDSKSSDKSVCLFTDFDSQTNVSQSKDSDVYITDKCVL
DMRSMDFKSNSAVAWSNKSDFACANAFNNSIIPEDTFFPSPESS
;
D
5 'polypeptide(L)'
;GVTQTPKHLITATGQRVTLRCSPRSGDLSVYWYQQSLDQGLQFLIQYYNGEERAKGNILERFSAQQFPDLHSELNLSSLE
LGDSALYFCASSVATYSTDTQYFGPGTRLTVLEDLKNVFPPEVAVFEPSEAEISHTQKATLVCLATGFFPDHVELSWWVN
GKEVHSGVCTDPQPLKEQPALNDSRYALSSRLRVSATFWQNPRNHFRCQVQFYGLSENDEWTQDRAKPVTQIVSAEAWGR
AD
;
F
#
# COMPACT_ATOMS: atom_id res chain seq x y z
N GLY A 1 11.30 -5.71 -35.28
CA GLY A 1 11.78 -6.64 -34.27
C GLY A 1 11.48 -6.18 -32.86
N SER A 2 11.16 -4.91 -32.70
CA SER A 2 10.83 -4.34 -31.41
C SER A 2 9.33 -4.37 -31.17
N HIS A 3 8.95 -4.34 -29.89
CA HIS A 3 7.55 -4.36 -29.49
C HIS A 3 7.34 -3.45 -28.30
N SER A 4 6.09 -3.07 -28.09
CA SER A 4 5.75 -2.13 -27.02
C SER A 4 4.35 -2.41 -26.50
N MET A 5 4.13 -2.06 -25.24
CA MET A 5 2.81 -2.02 -24.63
C MET A 5 2.62 -0.64 -24.04
N ARG A 6 1.45 -0.04 -24.27
CA ARG A 6 1.19 1.32 -23.82
C ARG A 6 -0.22 1.41 -23.26
N TYR A 7 -0.40 2.31 -22.30
CA TYR A 7 -1.72 2.65 -21.77
C TYR A 7 -1.88 4.16 -21.80
N PHE A 8 -2.99 4.62 -22.38
CA PHE A 8 -3.30 6.03 -22.50
C PHE A 8 -4.53 6.34 -21.66
N HIS A 9 -4.46 7.39 -20.85
CA HIS A 9 -5.55 7.78 -19.97
C HIS A 9 -5.90 9.23 -20.21
N THR A 10 -7.19 9.55 -20.18
CA THR A 10 -7.67 10.91 -20.40
C THR A 10 -8.79 11.20 -19.43
N SER A 11 -8.60 12.20 -18.56
CA SER A 11 -9.62 12.64 -17.62
C SER A 11 -9.95 14.09 -17.93
N VAL A 12 -11.22 14.36 -18.23
CA VAL A 12 -11.69 15.69 -18.61
C VAL A 12 -12.78 16.09 -17.63
N SER A 13 -12.52 17.12 -16.84
CA SER A 13 -13.49 17.58 -15.85
C SER A 13 -14.67 18.24 -16.54
N ARG A 14 -15.88 17.93 -16.04
CA ARG A 14 -17.13 18.47 -16.56
C ARG A 14 -17.81 19.25 -15.44
N PRO A 15 -17.46 20.52 -15.26
CA PRO A 15 -18.02 21.29 -14.13
C PRO A 15 -19.53 21.46 -14.26
N GLY A 16 -20.25 21.09 -13.20
CA GLY A 16 -21.69 21.18 -13.17
C GLY A 16 -22.43 20.04 -13.81
N ARG A 17 -21.72 19.10 -14.44
CA ARG A 17 -22.35 17.99 -15.15
C ARG A 17 -22.05 16.64 -14.52
N GLY A 18 -21.32 16.60 -13.41
CA GLY A 18 -21.00 15.38 -12.73
C GLY A 18 -19.49 15.14 -12.66
N GLU A 19 -19.12 13.87 -12.53
CA GLU A 19 -17.73 13.46 -12.43
C GLU A 19 -17.03 13.58 -13.77
N PRO A 20 -15.71 13.76 -13.76
CA PRO A 20 -14.96 13.87 -15.02
C PRO A 20 -15.10 12.62 -15.87
N ARG A 21 -14.93 12.80 -17.17
CA ARG A 21 -14.95 11.70 -18.13
C ARG A 21 -13.58 11.04 -18.16
N PHE A 22 -13.53 9.75 -17.84
CA PHE A 22 -12.28 8.99 -17.82
C PHE A 22 -12.32 7.92 -18.91
N ILE A 23 -11.45 8.06 -19.90
CA ILE A 23 -11.31 7.09 -20.98
C ILE A 23 -9.86 6.62 -21.00
N THR A 24 -9.66 5.31 -20.95
CA THR A 24 -8.33 4.73 -21.03
C THR A 24 -8.31 3.58 -22.02
N VAL A 25 -7.24 3.51 -22.80
CA VAL A 25 -7.05 2.47 -23.80
C VAL A 25 -5.67 1.85 -23.64
N GLY A 26 -5.55 0.60 -24.05
CA GLY A 26 -4.29 -0.11 -24.02
C GLY A 26 -3.93 -0.62 -25.40
N TYR A 27 -2.64 -0.53 -25.73
CA TYR A 27 -2.14 -0.92 -27.04
C TYR A 27 -0.95 -1.86 -26.89
N VAL A 28 -0.91 -2.88 -27.75
CA VAL A 28 0.29 -3.67 -27.99
C VAL A 28 0.73 -3.34 -29.41
N ASP A 29 1.84 -2.60 -29.52
CA ASP A 29 2.29 -1.99 -30.78
C ASP A 29 1.18 -1.04 -31.23
N ASP A 30 0.61 -1.19 -32.43
CA ASP A 30 -0.48 -0.34 -32.88
C ASP A 30 -1.83 -1.05 -32.82
N THR A 31 -1.95 -2.08 -32.00
CA THR A 31 -3.17 -2.88 -31.89
C THR A 31 -3.84 -2.58 -30.55
N LEU A 32 -5.03 -2.00 -30.61
CA LEU A 32 -5.83 -1.77 -29.42
C LEU A 32 -6.34 -3.11 -28.88
N PHE A 33 -6.32 -3.26 -27.55
CA PHE A 33 -6.82 -4.51 -26.97
C PHE A 33 -7.60 -4.36 -25.67
N VAL A 34 -7.58 -3.21 -25.00
CA VAL A 34 -8.42 -2.98 -23.83
C VAL A 34 -8.92 -1.53 -23.85
N ARG A 35 -10.07 -1.31 -23.22
CA ARG A 35 -10.63 0.03 -23.09
C ARG A 35 -11.46 0.11 -21.81
N PHE A 36 -11.66 1.33 -21.34
CA PHE A 36 -12.52 1.60 -20.19
C PHE A 36 -13.07 3.01 -20.33
N ASP A 37 -14.39 3.14 -20.27
CA ASP A 37 -15.06 4.43 -20.38
C ASP A 37 -15.97 4.61 -19.17
N SER A 38 -15.75 5.69 -18.43
CA SER A 38 -16.56 5.96 -17.24
C SER A 38 -18.01 6.24 -17.57
N ASP A 39 -18.31 6.66 -18.80
CA ASP A 39 -19.69 6.92 -19.21
C ASP A 39 -20.40 5.67 -19.71
N ALA A 40 -20.12 4.52 -19.09
CA ALA A 40 -20.86 3.30 -19.32
C ALA A 40 -21.76 3.02 -18.12
N ALA A 41 -22.85 2.28 -18.36
CA ALA A 41 -23.79 1.98 -17.30
C ALA A 41 -23.12 1.24 -16.15
N SER A 42 -22.36 0.19 -16.47
CA SER A 42 -21.55 -0.55 -15.51
C SER A 42 -20.12 -0.54 -16.03
N PRO A 43 -19.36 0.52 -15.73
CA PRO A 43 -18.02 0.66 -16.34
C PRO A 43 -17.08 -0.47 -15.94
N ARG A 44 -16.48 -1.09 -16.95
CA ARG A 44 -15.61 -2.23 -16.75
C ARG A 44 -14.61 -2.31 -17.90
N GLU A 45 -13.40 -2.76 -17.57
CA GLU A 45 -12.39 -3.00 -18.59
C GLU A 45 -12.90 -4.03 -19.59
N GLU A 46 -12.84 -3.70 -20.87
CA GLU A 46 -13.44 -4.52 -21.91
C GLU A 46 -12.40 -4.91 -22.96
N PRO A 47 -12.57 -6.08 -23.57
CA PRO A 47 -11.62 -6.52 -24.60
C PRO A 47 -11.83 -5.77 -25.91
N ARG A 48 -10.72 -5.57 -26.63
CA ARG A 48 -10.75 -4.98 -27.96
C ARG A 48 -9.85 -5.74 -28.93
N ALA A 49 -9.56 -7.00 -28.64
CA ALA A 49 -8.74 -7.84 -29.50
C ALA A 49 -9.07 -9.29 -29.18
N PRO A 50 -8.97 -10.19 -30.16
CA PRO A 50 -9.35 -11.60 -29.90
C PRO A 50 -8.47 -12.28 -28.87
N TRP A 51 -7.17 -12.00 -28.85
CA TRP A 51 -6.24 -12.72 -28.00
C TRP A 51 -6.31 -12.32 -26.53
N ILE A 52 -6.96 -11.20 -26.20
CA ILE A 52 -7.08 -10.80 -24.80
C ILE A 52 -8.32 -11.42 -24.13
N GLU A 53 -9.28 -11.91 -24.91
CA GLU A 53 -10.48 -12.51 -24.35
C GLU A 53 -10.20 -13.82 -23.62
N GLN A 54 -9.04 -14.42 -23.84
CA GLN A 54 -8.69 -15.65 -23.16
C GLN A 54 -8.47 -15.45 -21.66
N GLU A 55 -8.22 -14.22 -21.23
CA GLU A 55 -7.90 -13.95 -19.85
C GLU A 55 -9.08 -14.28 -18.93
N GLY A 56 -8.76 -14.77 -17.73
CA GLY A 56 -9.77 -15.18 -16.79
C GLY A 56 -10.47 -14.02 -16.14
N PRO A 57 -11.44 -14.33 -15.29
CA PRO A 57 -12.19 -13.27 -14.60
C PRO A 57 -11.35 -12.47 -13.63
N GLU A 58 -10.34 -13.09 -13.00
CA GLU A 58 -9.48 -12.34 -12.08
C GLU A 58 -8.62 -11.32 -12.81
N TYR A 59 -8.42 -11.49 -14.12
CA TYR A 59 -7.73 -10.48 -14.91
C TYR A 59 -8.60 -9.24 -15.09
N TRP A 60 -9.86 -9.45 -15.48
CA TRP A 60 -10.75 -8.33 -15.77
C TRP A 60 -11.21 -7.62 -14.50
N ASP A 61 -11.47 -8.37 -13.42
CA ASP A 61 -11.82 -7.73 -12.16
C ASP A 61 -10.71 -6.83 -11.66
N ARG A 62 -9.46 -7.25 -11.85
CA ARG A 62 -8.32 -6.46 -11.41
C ARG A 62 -8.09 -5.26 -12.32
N GLU A 63 -8.15 -5.46 -13.64
CA GLU A 63 -7.96 -4.34 -14.57
C GLU A 63 -9.06 -3.31 -14.42
N THR A 64 -10.28 -3.76 -14.11
CA THR A 64 -11.38 -2.83 -13.90
C THR A 64 -11.16 -1.98 -12.66
N GLN A 65 -10.70 -2.59 -11.57
CA GLN A 65 -10.45 -1.84 -10.35
C GLN A 65 -9.21 -0.96 -10.45
N ILE A 66 -8.28 -1.27 -11.37
CA ILE A 66 -7.16 -0.37 -11.61
C ILE A 66 -7.64 0.87 -12.35
N SER A 67 -8.54 0.69 -13.31
CA SER A 67 -9.10 1.84 -14.02
C SER A 67 -10.00 2.67 -13.12
N LYS A 68 -10.82 2.02 -12.29
CA LYS A 68 -11.67 2.75 -11.37
C LYS A 68 -10.85 3.53 -10.34
N ALA A 69 -9.72 2.98 -9.91
CA ALA A 69 -8.85 3.70 -9.00
C ALA A 69 -8.08 4.80 -9.70
N LYS A 70 -7.76 4.61 -11.00
CA LYS A 70 -7.06 5.65 -11.75
C LYS A 70 -7.98 6.84 -12.01
N ALA A 71 -9.26 6.57 -12.32
CA ALA A 71 -10.21 7.66 -12.48
C ALA A 71 -10.43 8.41 -11.17
N GLN A 72 -10.48 7.66 -10.05
CA GLN A 72 -10.62 8.30 -8.75
C GLN A 72 -9.45 9.23 -8.45
N THR A 73 -8.23 8.79 -8.73
CA THR A 73 -7.06 9.61 -8.46
C THR A 73 -7.02 10.82 -9.38
N ASP A 74 -7.38 10.64 -10.66
CA ASP A 74 -7.41 11.76 -11.58
C ASP A 74 -8.47 12.79 -11.19
N ARG A 75 -9.57 12.34 -10.58
CA ARG A 75 -10.56 13.29 -10.09
C ARG A 75 -9.97 14.17 -8.99
N GLU A 76 -9.19 13.57 -8.08
CA GLU A 76 -8.54 14.35 -7.05
C GLU A 76 -7.50 15.29 -7.64
N ASP A 77 -6.74 14.82 -8.64
CA ASP A 77 -5.67 15.63 -9.21
C ASP A 77 -6.23 16.82 -9.99
N LEU A 78 -7.39 16.64 -10.65
CA LEU A 78 -8.03 17.76 -11.33
C LEU A 78 -8.41 18.85 -10.35
N ARG A 79 -8.89 18.48 -9.16
CA ARG A 79 -9.17 19.47 -8.13
C ARG A 79 -7.89 20.01 -7.52
N THR A 80 -6.85 19.18 -7.40
CA THR A 80 -5.60 19.63 -6.83
C THR A 80 -4.90 20.63 -7.74
N LEU A 81 -4.91 20.38 -9.05
CA LEU A 81 -4.25 21.28 -9.99
C LEU A 81 -4.97 22.62 -10.08
N LEU A 82 -6.27 22.66 -9.77
CA LEU A 82 -6.94 23.95 -9.67
C LEU A 82 -6.34 24.79 -8.56
N ARG A 83 -5.90 24.15 -7.48
CA ARG A 83 -5.21 24.87 -6.41
C ARG A 83 -3.82 25.29 -6.84
N TYR A 84 -3.12 24.44 -7.59
CA TYR A 84 -1.76 24.74 -8.01
C TYR A 84 -1.73 25.93 -8.96
N TYR A 85 -2.57 25.90 -9.99
CA TYR A 85 -2.57 26.94 -11.01
C TYR A 85 -3.54 28.07 -10.72
N ASN A 86 -4.23 28.03 -9.59
CA ASN A 86 -5.19 29.06 -9.18
C ASN A 86 -6.23 29.30 -10.29
N GLN A 87 -6.90 28.22 -10.67
CA GLN A 87 -7.90 28.23 -11.72
C GLN A 87 -9.30 28.06 -11.12
N SER A 88 -10.30 28.46 -11.89
CA SER A 88 -11.68 28.42 -11.42
C SER A 88 -12.24 27.00 -11.50
N GLU A 89 -13.13 26.69 -10.57
CA GLU A 89 -13.79 25.38 -10.53
C GLU A 89 -14.86 25.22 -11.58
N ALA A 90 -15.10 26.23 -12.42
CA ALA A 90 -16.13 26.17 -13.45
C ALA A 90 -15.57 25.87 -14.83
N GLY A 91 -14.25 25.76 -14.98
CA GLY A 91 -13.62 25.51 -16.26
C GLY A 91 -13.24 24.06 -16.43
N SER A 92 -13.37 23.57 -17.67
CA SER A 92 -12.98 22.21 -17.99
C SER A 92 -11.48 22.10 -18.16
N HIS A 93 -10.91 20.99 -17.70
CA HIS A 93 -9.48 20.75 -17.79
C HIS A 93 -9.22 19.28 -18.09
N THR A 94 -8.10 19.01 -18.73
CA THR A 94 -7.75 17.67 -19.19
C THR A 94 -6.48 17.19 -18.52
N LEU A 95 -6.47 15.91 -18.13
CA LEU A 95 -5.30 15.25 -17.58
C LEU A 95 -5.01 14.01 -18.41
N GLN A 96 -3.90 14.02 -19.14
CA GLN A 96 -3.49 12.90 -19.97
C GLN A 96 -2.27 12.22 -19.37
N ASN A 97 -2.29 10.90 -19.36
CA ASN A 97 -1.18 10.10 -18.85
C ASN A 97 -0.87 8.98 -19.83
N MET A 98 0.41 8.67 -19.97
CA MET A 98 0.87 7.61 -20.85
C MET A 98 2.06 6.92 -20.21
N TYR A 99 1.99 5.59 -20.10
CA TYR A 99 3.11 4.82 -19.61
C TYR A 99 3.19 3.51 -20.39
N GLY A 100 4.39 2.97 -20.49
CA GLY A 100 4.60 1.73 -21.21
C GLY A 100 6.07 1.37 -21.26
N CYS A 101 6.34 0.26 -21.95
CA CYS A 101 7.70 -0.28 -22.05
C CYS A 101 7.95 -0.79 -23.45
N ASP A 102 9.22 -0.72 -23.86
CA ASP A 102 9.66 -1.24 -25.15
C ASP A 102 10.61 -2.41 -24.93
N VAL A 103 10.47 -3.45 -25.76
CA VAL A 103 11.32 -4.62 -25.70
C VAL A 103 11.89 -4.89 -27.08
N GLY A 104 12.99 -5.64 -27.11
CA GLY A 104 13.63 -6.00 -28.35
C GLY A 104 13.30 -7.42 -28.76
N PRO A 105 14.18 -8.03 -29.56
CA PRO A 105 13.94 -9.43 -29.97
C PRO A 105 14.11 -10.42 -28.83
N ASP A 106 14.93 -10.10 -27.84
CA ASP A 106 15.14 -10.97 -26.70
C ASP A 106 14.07 -10.85 -25.62
N GLY A 107 13.22 -9.83 -25.70
CA GLY A 107 12.23 -9.58 -24.67
C GLY A 107 12.72 -8.76 -23.50
N ARG A 108 13.93 -8.21 -23.59
CA ARG A 108 14.51 -7.41 -22.51
C ARG A 108 14.12 -5.94 -22.69
N LEU A 109 14.14 -5.20 -21.58
CA LEU A 109 13.68 -3.82 -21.59
C LEU A 109 14.64 -2.93 -22.36
N LEU A 110 14.09 -2.10 -23.26
CA LEU A 110 14.84 -1.09 -23.99
C LEU A 110 14.64 0.30 -23.43
N ARG A 111 13.39 0.67 -23.12
CA ARG A 111 13.08 2.01 -22.64
C ARG A 111 11.71 1.97 -21.96
N GLY A 112 11.62 2.63 -20.81
CA GLY A 112 10.38 2.74 -20.07
C GLY A 112 9.87 4.16 -20.08
N TYR A 113 8.56 4.32 -20.01
CA TYR A 113 7.92 5.62 -20.13
C TYR A 113 6.87 5.79 -19.04
N HIS A 114 6.72 7.04 -18.59
CA HIS A 114 5.61 7.46 -17.72
C HIS A 114 5.58 8.97 -17.67
N GLN A 115 4.63 9.59 -18.36
CA GLN A 115 4.61 11.04 -18.52
C GLN A 115 3.18 11.56 -18.42
N ASP A 116 3.05 12.78 -17.90
CA ASP A 116 1.78 13.43 -17.69
C ASP A 116 1.62 14.62 -18.63
N ALA A 117 0.38 15.11 -18.72
CA ALA A 117 0.07 16.32 -19.47
C ALA A 117 -1.19 16.94 -18.88
N TYR A 118 -1.11 18.23 -18.57
CA TYR A 118 -2.24 18.99 -18.05
C TYR A 118 -2.60 20.06 -19.07
N ASP A 119 -3.78 19.91 -19.68
CA ASP A 119 -4.27 20.85 -20.70
C ASP A 119 -3.32 20.93 -21.89
N GLY A 120 -2.95 19.76 -22.42
CA GLY A 120 -2.16 19.67 -23.62
C GLY A 120 -0.69 20.02 -23.48
N LYS A 121 -0.22 20.30 -22.27
CA LYS A 121 1.18 20.64 -22.05
C LYS A 121 1.78 19.69 -21.02
N ASP A 122 3.07 19.40 -21.19
CA ASP A 122 3.76 18.45 -20.32
C ASP A 122 3.67 18.89 -18.86
N TYR A 123 3.49 17.91 -17.98
CA TYR A 123 3.44 18.17 -16.54
C TYR A 123 4.67 17.59 -15.87
N ILE A 124 4.65 16.28 -15.62
CA ILE A 124 5.77 15.58 -15.03
C ILE A 124 6.02 14.30 -15.82
N ALA A 125 7.29 13.91 -15.94
CA ALA A 125 7.66 12.76 -16.74
C ALA A 125 8.76 11.98 -16.04
N LEU A 126 8.68 10.66 -16.09
CA LEU A 126 9.71 9.80 -15.54
C LEU A 126 10.88 9.72 -16.52
N ASN A 127 12.07 10.04 -16.05
CA ASN A 127 13.23 10.06 -16.93
C ASN A 127 13.60 8.65 -17.39
N GLU A 128 14.54 8.58 -18.33
CA GLU A 128 14.93 7.30 -18.91
C GLU A 128 15.54 6.37 -17.86
N ASP A 129 16.18 6.92 -16.84
CA ASP A 129 16.80 6.11 -15.80
C ASP A 129 15.79 5.48 -14.86
N LEU A 130 14.51 5.86 -14.95
CA LEU A 130 13.44 5.31 -14.12
C LEU A 130 13.67 5.56 -12.63
N SER A 131 14.36 6.67 -12.29
CA SER A 131 14.60 7.01 -10.90
C SER A 131 14.51 8.50 -10.62
N SER A 132 14.33 9.35 -11.62
CA SER A 132 14.22 10.78 -11.42
C SER A 132 13.08 11.31 -12.28
N TRP A 133 12.67 12.54 -11.99
CA TRP A 133 11.54 13.17 -12.69
C TRP A 133 12.00 14.45 -13.37
N THR A 134 11.21 14.87 -14.35
CA THR A 134 11.41 16.15 -15.04
C THR A 134 10.10 16.92 -14.99
N ALA A 135 10.07 17.95 -14.16
CA ALA A 135 8.88 18.79 -14.02
C ALA A 135 8.95 19.96 -14.99
N ALA A 136 7.82 20.23 -15.66
CA ALA A 136 7.76 21.29 -16.65
C ALA A 136 7.45 22.65 -16.04
N ASP A 137 6.96 22.70 -14.80
CA ASP A 137 6.66 23.96 -14.15
C ASP A 137 6.80 23.77 -12.64
N THR A 138 6.63 24.87 -11.90
CA THR A 138 6.72 24.81 -10.45
C THR A 138 5.58 24.03 -9.81
N ALA A 139 4.45 23.90 -10.51
CA ALA A 139 3.36 23.09 -9.97
C ALA A 139 3.69 21.61 -10.02
N ALA A 140 4.28 21.14 -11.12
CA ALA A 140 4.73 19.76 -11.19
C ALA A 140 5.90 19.48 -10.26
N GLN A 141 6.67 20.52 -9.89
CA GLN A 141 7.71 20.34 -8.90
C GLN A 141 7.12 20.02 -7.53
N ILE A 142 5.92 20.50 -7.25
CA ILE A 142 5.22 20.10 -6.03
C ILE A 142 4.89 18.62 -6.09
N THR A 143 4.39 18.15 -7.23
CA THR A 143 4.09 16.74 -7.41
C THR A 143 5.36 15.90 -7.40
N GLN A 144 6.43 16.41 -8.01
CA GLN A 144 7.69 15.68 -8.03
C GLN A 144 8.23 15.45 -6.62
N ARG A 145 8.19 16.48 -5.78
CA ARG A 145 8.67 16.33 -4.40
C ARG A 145 7.82 15.34 -3.63
N LYS A 146 6.50 15.32 -3.88
CA LYS A 146 5.64 14.33 -3.25
C LYS A 146 5.94 12.93 -3.78
N TRP A 147 6.13 12.81 -5.09
CA TRP A 147 6.41 11.50 -5.68
C TRP A 147 7.81 11.02 -5.37
N GLU A 148 8.75 11.92 -5.06
CA GLU A 148 10.06 11.50 -4.59
C GLU A 148 10.01 11.09 -3.13
N ALA A 149 9.20 11.77 -2.32
CA ALA A 149 9.09 11.43 -0.91
C ALA A 149 8.34 10.10 -0.73
N ALA A 150 7.35 9.84 -1.57
CA ALA A 150 6.57 8.61 -1.50
C ALA A 150 7.21 7.46 -2.28
N ARG A 151 8.37 7.69 -2.90
CA ARG A 151 9.09 6.67 -3.66
C ARG A 151 8.20 6.07 -4.75
N VAL A 152 7.52 6.94 -5.49
CA VAL A 152 6.62 6.50 -6.55
C VAL A 152 7.42 5.88 -7.70
N ALA A 153 8.55 6.48 -8.06
CA ALA A 153 9.33 6.01 -9.19
C ALA A 153 9.87 4.60 -8.96
N GLU A 154 10.11 4.23 -7.69
CA GLU A 154 10.65 2.90 -7.40
C GLU A 154 9.63 1.81 -7.73
N GLN A 155 8.33 2.11 -7.63
CA GLN A 155 7.33 1.13 -8.05
C GLN A 155 7.13 1.15 -9.56
N LEU A 156 7.09 2.35 -10.16
CA LEU A 156 6.97 2.43 -11.61
C LEU A 156 8.15 1.77 -12.30
N ARG A 157 9.37 1.99 -11.78
CA ARG A 157 10.54 1.32 -12.34
C ARG A 157 10.43 -0.19 -12.18
N ALA A 158 9.96 -0.65 -11.03
CA ALA A 158 9.77 -2.09 -10.82
C ALA A 158 8.74 -2.65 -11.78
N TYR A 159 7.71 -1.86 -12.11
CA TYR A 159 6.70 -2.32 -13.07
C TYR A 159 7.25 -2.33 -14.48
N LEU A 160 7.85 -1.22 -14.92
CA LEU A 160 8.33 -1.12 -16.29
C LEU A 160 9.40 -2.16 -16.60
N GLU A 161 10.25 -2.48 -15.61
CA GLU A 161 11.30 -3.46 -15.82
C GLU A 161 10.79 -4.88 -15.65
N GLY A 162 9.75 -5.07 -14.82
CA GLY A 162 9.22 -6.35 -14.43
C GLY A 162 7.89 -6.62 -15.13
N GLU A 163 6.77 -6.27 -14.48
CA GLU A 163 5.47 -6.71 -14.95
C GLU A 163 5.19 -6.26 -16.38
N CYS A 164 5.69 -5.09 -16.77
CA CYS A 164 5.37 -4.55 -18.08
C CYS A 164 5.89 -5.44 -19.21
N VAL A 165 7.18 -5.78 -19.16
CA VAL A 165 7.75 -6.63 -20.21
C VAL A 165 7.28 -8.07 -20.05
N GLU A 166 6.89 -8.47 -18.84
CA GLU A 166 6.38 -9.82 -18.64
C GLU A 166 4.96 -9.94 -19.19
N TRP A 167 4.14 -8.89 -19.02
CA TRP A 167 2.83 -8.87 -19.66
C TRP A 167 2.98 -8.80 -21.18
N LEU A 168 4.02 -8.10 -21.66
CA LEU A 168 4.18 -7.93 -23.09
C LEU A 168 4.57 -9.24 -23.77
N ARG A 169 5.50 -9.99 -23.18
CA ARG A 169 5.87 -11.29 -23.74
C ARG A 169 4.66 -12.22 -23.78
N ARG A 170 3.75 -12.11 -22.82
CA ARG A 170 2.56 -12.95 -22.80
C ARG A 170 1.63 -12.60 -23.96
N TYR A 171 1.43 -11.31 -24.23
CA TYR A 171 0.53 -10.91 -25.31
C TYR A 171 1.10 -11.24 -26.67
N LEU A 172 2.43 -11.19 -26.83
CA LEU A 172 3.05 -11.51 -28.11
C LEU A 172 2.92 -13.00 -28.44
N GLU A 173 2.96 -13.86 -27.41
CA GLU A 173 2.85 -15.29 -27.65
C GLU A 173 1.41 -15.73 -27.89
N ASN A 174 0.44 -15.06 -27.25
CA ASN A 174 -0.96 -15.43 -27.42
C ASN A 174 -1.49 -14.97 -28.77
N GLY A 175 -1.30 -13.70 -29.11
CA GLY A 175 -1.78 -13.18 -30.37
C GLY A 175 -0.69 -13.07 -31.42
N LYS A 176 0.14 -14.11 -31.52
CA LYS A 176 1.27 -14.08 -32.45
C LYS A 176 0.81 -14.05 -33.91
N GLU A 177 -0.36 -14.61 -34.21
CA GLU A 177 -0.84 -14.62 -35.59
C GLU A 177 -1.18 -13.23 -36.09
N THR A 178 -1.63 -12.34 -35.20
CA THR A 178 -2.01 -10.99 -35.58
C THR A 178 -1.00 -9.93 -35.15
N LEU A 179 -0.18 -10.19 -34.15
CA LEU A 179 0.78 -9.21 -33.66
C LEU A 179 2.18 -9.40 -34.23
N GLN A 180 2.66 -10.63 -34.33
CA GLN A 180 4.01 -10.90 -34.81
C GLN A 180 4.05 -11.19 -36.31
N ARG A 181 3.08 -10.68 -37.07
CA ARG A 181 3.06 -10.85 -38.52
C ARG A 181 2.61 -9.53 -39.15
N ALA A 182 3.47 -8.95 -39.96
CA ALA A 182 3.20 -7.66 -40.59
C ALA A 182 2.45 -7.83 -41.90
N ASP A 183 1.82 -6.74 -42.35
CA ASP A 183 1.02 -6.74 -43.57
C ASP A 183 1.50 -5.62 -44.47
N PRO A 184 1.93 -5.90 -45.69
CA PRO A 184 2.40 -4.84 -46.59
C PRO A 184 1.22 -4.08 -47.18
N PRO A 185 1.45 -2.89 -47.72
CA PRO A 185 0.35 -2.09 -48.27
C PRO A 185 0.08 -2.38 -49.73
N LYS A 186 -1.13 -2.01 -50.15
CA LYS A 186 -1.54 -2.05 -51.55
C LYS A 186 -1.41 -0.65 -52.14
N THR A 187 -0.68 -0.53 -53.25
CA THR A 187 -0.28 0.76 -53.79
C THR A 187 -0.85 0.97 -55.19
N HIS A 188 -1.07 2.24 -55.51
CA HIS A 188 -1.50 2.67 -56.84
C HIS A 188 -1.30 4.17 -56.92
N VAL A 189 -1.32 4.69 -58.14
CA VAL A 189 -1.11 6.11 -58.39
C VAL A 189 -2.28 6.66 -59.20
N THR A 190 -2.81 7.81 -58.76
CA THR A 190 -3.92 8.46 -59.42
C THR A 190 -3.49 9.83 -59.96
N HIS A 191 -4.30 10.36 -60.88
CA HIS A 191 -4.00 11.61 -61.56
C HIS A 191 -5.23 12.52 -61.49
N HIS A 192 -5.01 13.79 -61.14
CA HIS A 192 -6.10 14.76 -61.03
C HIS A 192 -5.65 16.06 -61.68
N PRO A 193 -6.12 16.34 -62.90
CA PRO A 193 -5.73 17.58 -63.58
C PRO A 193 -6.28 18.81 -62.86
N ILE A 194 -5.41 19.78 -62.62
CA ILE A 194 -5.81 21.03 -61.97
C ILE A 194 -5.63 22.19 -62.94
N ALA A 199 -2.19 19.79 -62.61
CA ALA A 199 -2.30 18.34 -62.41
C ALA A 199 -1.58 17.91 -61.14
N THR A 200 -2.07 16.83 -60.52
CA THR A 200 -1.47 16.30 -59.31
C THR A 200 -1.37 14.78 -59.41
N LEU A 201 -0.43 14.22 -58.66
CA LEU A 201 -0.18 12.78 -58.65
C LEU A 201 -0.20 12.30 -57.21
N ARG A 202 -1.08 11.34 -56.91
CA ARG A 202 -1.32 10.88 -55.55
C ARG A 202 -0.85 9.43 -55.43
N CYS A 203 0.10 9.20 -54.52
CA CYS A 203 0.70 7.88 -54.31
C CYS A 203 0.06 7.25 -53.09
N TRP A 204 -0.69 6.17 -53.29
CA TRP A 204 -1.51 5.58 -52.24
C TRP A 204 -0.82 4.37 -51.60
N ALA A 205 -1.19 4.12 -50.34
CA ALA A 205 -0.76 2.93 -49.61
C ALA A 205 -1.88 2.56 -48.64
N LEU A 206 -2.51 1.41 -48.84
CA LEU A 206 -3.68 1.03 -48.09
C LEU A 206 -3.52 -0.36 -47.49
N GLY A 207 -4.14 -0.55 -46.32
CA GLY A 207 -4.20 -1.85 -45.68
C GLY A 207 -2.86 -2.42 -45.25
N PHE A 208 -2.17 -1.74 -44.34
CA PHE A 208 -0.87 -2.19 -43.86
C PHE A 208 -0.80 -2.09 -42.35
N TYR A 209 0.01 -2.96 -41.75
CA TYR A 209 0.27 -3.00 -40.33
C TYR A 209 1.73 -3.38 -40.13
N PRO A 210 2.46 -2.70 -39.24
CA PRO A 210 1.99 -1.58 -38.41
C PRO A 210 1.88 -0.26 -39.16
N ALA A 211 1.57 0.81 -38.43
CA ALA A 211 1.31 2.10 -39.05
C ALA A 211 2.55 2.81 -39.56
N GLU A 212 3.74 2.32 -39.22
CA GLU A 212 4.98 2.96 -39.66
C GLU A 212 5.12 2.82 -41.17
N ILE A 213 4.86 3.91 -41.89
CA ILE A 213 4.99 3.96 -43.33
C ILE A 213 5.82 5.18 -43.69
N THR A 214 6.56 5.07 -44.79
CA THR A 214 7.41 6.16 -45.28
C THR A 214 7.16 6.33 -46.78
N LEU A 215 6.61 7.47 -47.16
CA LEU A 215 6.34 7.77 -48.55
C LEU A 215 7.24 8.88 -49.07
N ARG A 219 12.67 12.98 -58.82
CA ARG A 219 12.93 12.85 -60.25
C ARG A 219 14.33 12.32 -60.50
N ASP A 220 14.42 11.18 -61.20
CA ASP A 220 15.68 10.54 -61.54
C ASP A 220 16.49 10.18 -60.30
N GLY A 221 15.81 9.81 -59.21
CA GLY A 221 16.47 9.37 -58.00
C GLY A 221 16.53 10.38 -56.88
N GLU A 222 15.96 11.58 -57.05
CA GLU A 222 15.99 12.61 -56.04
C GLU A 222 14.62 12.74 -55.38
N ASP A 223 14.60 13.40 -54.23
CA ASP A 223 13.40 13.56 -53.43
C ASP A 223 12.86 14.98 -53.55
N GLN A 224 11.54 15.09 -53.61
CA GLN A 224 10.86 16.38 -53.61
C GLN A 224 10.10 16.53 -52.29
N THR A 225 10.86 16.69 -51.21
CA THR A 225 10.30 16.66 -49.87
C THR A 225 9.50 17.91 -49.52
N GLN A 226 9.60 18.97 -50.30
CA GLN A 226 8.88 20.21 -50.00
C GLN A 226 7.62 20.40 -50.83
N ASP A 227 7.60 19.91 -52.07
CA ASP A 227 6.41 19.97 -52.91
C ASP A 227 5.53 18.73 -52.77
N THR A 228 5.61 18.03 -51.65
CA THR A 228 4.87 16.80 -51.42
C THR A 228 3.93 16.99 -50.24
N GLU A 229 2.63 16.77 -50.48
CA GLU A 229 1.63 16.86 -49.43
C GLU A 229 1.39 15.47 -48.86
N LEU A 230 1.90 15.23 -47.65
CA LEU A 230 1.77 13.94 -46.97
C LEU A 230 0.73 14.06 -45.87
N VAL A 231 -0.41 13.40 -46.07
CA VAL A 231 -1.44 13.36 -45.04
C VAL A 231 -1.04 12.35 -43.97
N GLU A 232 -1.36 12.67 -42.72
CA GLU A 232 -1.01 11.79 -41.61
C GLU A 232 -1.66 10.42 -41.78
N THR A 233 -0.95 9.38 -41.36
CA THR A 233 -1.45 8.02 -41.47
C THR A 233 -2.77 7.88 -40.74
N ARG A 234 -3.77 7.33 -41.42
CA ARG A 234 -5.11 7.19 -40.88
C ARG A 234 -5.50 5.72 -40.75
N PRO A 235 -6.25 5.36 -39.72
CA PRO A 235 -6.67 3.95 -39.58
C PRO A 235 -7.84 3.62 -40.49
N ALA A 236 -7.76 2.46 -41.13
CA ALA A 236 -8.81 2.04 -42.04
C ALA A 236 -10.07 1.63 -41.29
N GLY A 237 -9.93 1.07 -40.10
CA GLY A 237 -11.03 0.57 -39.30
C GLY A 237 -10.93 -0.91 -38.98
N ASP A 238 -10.28 -1.68 -39.86
CA ASP A 238 -10.04 -3.10 -39.65
C ASP A 238 -8.62 -3.37 -39.16
N ARG A 239 -8.12 -2.50 -38.26
CA ARG A 239 -6.80 -2.58 -37.66
C ARG A 239 -5.67 -2.42 -38.67
N THR A 240 -5.96 -1.89 -39.85
CA THR A 240 -4.97 -1.52 -40.84
C THR A 240 -4.96 -0.01 -41.02
N PHE A 241 -4.05 0.49 -41.85
CA PHE A 241 -3.83 1.92 -41.97
C PHE A 241 -3.73 2.33 -43.43
N GLN A 242 -3.83 3.64 -43.66
CA GLN A 242 -3.77 4.23 -44.99
C GLN A 242 -2.93 5.50 -44.94
N LYS A 243 -2.43 5.91 -46.11
CA LYS A 243 -1.59 7.10 -46.23
C LYS A 243 -1.35 7.36 -47.72
N TRP A 244 -1.32 8.65 -48.09
CA TRP A 244 -0.97 9.02 -49.46
C TRP A 244 -0.14 10.29 -49.46
N ALA A 245 0.44 10.57 -50.63
CA ALA A 245 1.30 11.73 -50.84
C ALA A 245 1.05 12.29 -52.23
N ALA A 246 0.97 13.62 -52.34
CA ALA A 246 0.65 14.29 -53.59
C ALA A 246 1.73 15.30 -53.94
N VAL A 247 2.01 15.42 -55.24
CA VAL A 247 2.97 16.38 -55.76
C VAL A 247 2.36 17.10 -56.95
N VAL A 248 2.58 18.40 -57.03
CA VAL A 248 2.01 19.23 -58.10
C VAL A 248 2.97 19.22 -59.29
N VAL A 249 2.49 18.78 -60.44
CA VAL A 249 3.28 18.75 -61.66
C VAL A 249 2.58 19.52 -62.77
N TYR A 257 9.63 12.34 -61.81
CA TYR A 257 8.52 12.31 -60.87
C TYR A 257 8.14 10.87 -60.51
N THR A 258 8.67 10.38 -59.39
CA THR A 258 8.45 9.01 -58.96
C THR A 258 8.24 8.97 -57.45
N CYS A 259 7.45 8.00 -57.00
CA CYS A 259 7.08 7.86 -55.60
C CYS A 259 7.95 6.80 -54.92
N HIS A 260 8.27 7.04 -53.66
CA HIS A 260 9.10 6.14 -52.86
C HIS A 260 8.28 5.55 -51.72
N VAL A 261 8.39 4.24 -51.51
CA VAL A 261 7.56 3.53 -50.54
C VAL A 261 8.41 2.47 -49.84
N GLN A 262 8.37 2.48 -48.50
CA GLN A 262 9.01 1.45 -47.69
C GLN A 262 8.05 1.02 -46.60
N HIS A 263 8.23 -0.21 -46.11
CA HIS A 263 7.42 -0.75 -45.02
C HIS A 263 8.10 -1.99 -44.46
N GLU A 264 7.68 -2.37 -43.26
CA GLU A 264 8.20 -3.58 -42.63
C GLU A 264 7.80 -4.83 -43.41
N GLY A 265 6.51 -4.97 -43.71
CA GLY A 265 6.01 -6.12 -44.43
C GLY A 265 6.46 -6.20 -45.86
N LEU A 266 6.92 -5.09 -46.44
CA LEU A 266 7.39 -5.10 -47.81
C LEU A 266 8.69 -5.87 -47.92
N PRO A 267 8.83 -6.75 -48.92
CA PRO A 267 10.12 -7.45 -49.08
C PRO A 267 11.27 -6.50 -49.40
N LYS A 268 11.05 -5.55 -50.30
CA LYS A 268 12.01 -4.52 -50.65
C LYS A 268 11.26 -3.22 -50.91
N PRO A 269 11.91 -2.07 -50.68
CA PRO A 269 11.24 -0.79 -50.91
C PRO A 269 10.85 -0.60 -52.37
N LEU A 270 9.55 -0.62 -52.64
CA LEU A 270 9.04 -0.38 -53.98
C LEU A 270 9.00 1.10 -54.28
N THR A 271 9.31 1.46 -55.53
CA THR A 271 9.10 2.81 -56.03
C THR A 271 8.17 2.73 -57.22
N LEU A 272 6.99 3.33 -57.10
CA LEU A 272 5.94 3.21 -58.09
C LEU A 272 5.94 4.43 -59.01
N ARG A 273 5.33 4.25 -60.19
CA ARG A 273 5.17 5.33 -61.15
C ARG A 273 3.76 5.28 -61.72
N TRP A 274 3.30 6.43 -62.18
CA TRP A 274 1.92 6.56 -62.66
C TRP A 274 1.77 5.85 -64.00
N GLU A 275 1.07 4.72 -63.99
CA GLU A 275 0.76 4.02 -65.21
C GLU A 275 -0.51 4.59 -65.83
N PRO A 276 -0.44 5.18 -67.03
CA PRO A 276 -1.60 5.81 -67.68
C PRO A 276 -2.75 4.85 -67.91
N MET B 1 -3.18 26.99 -21.44
CA MET B 1 -4.02 26.00 -22.10
C MET B 1 -3.91 26.13 -23.62
N ILE B 2 -3.54 25.04 -24.27
CA ILE B 2 -3.33 25.04 -25.72
C ILE B 2 -4.62 24.61 -26.42
N GLN B 3 -4.79 25.09 -27.64
CA GLN B 3 -5.93 24.75 -28.47
C GLN B 3 -5.43 24.43 -29.88
N ARG B 4 -5.66 23.19 -30.32
CA ARG B 4 -5.20 22.73 -31.62
C ARG B 4 -6.39 22.46 -32.52
N THR B 5 -6.22 22.77 -33.81
CA THR B 5 -7.28 22.64 -34.81
C THR B 5 -7.29 21.22 -35.36
N PRO B 6 -8.46 20.59 -35.47
CA PRO B 6 -8.51 19.19 -35.92
C PRO B 6 -8.15 19.04 -37.39
N LYS B 7 -7.53 17.91 -37.70
CA LYS B 7 -7.20 17.53 -39.07
C LYS B 7 -8.24 16.51 -39.53
N ILE B 8 -9.15 16.94 -40.39
CA ILE B 8 -10.29 16.13 -40.81
C ILE B 8 -9.91 15.35 -42.06
N GLN B 9 -10.19 14.06 -42.06
CA GLN B 9 -10.00 13.20 -43.23
C GLN B 9 -11.20 12.28 -43.36
N VAL B 10 -12.04 12.52 -44.37
CA VAL B 10 -13.18 11.66 -44.66
C VAL B 10 -12.79 10.77 -45.84
N TYR B 11 -12.94 9.47 -45.66
CA TYR B 11 -12.46 8.49 -46.64
C TYR B 11 -13.22 7.19 -46.43
N SER B 12 -12.82 6.17 -47.19
CA SER B 12 -13.45 4.86 -47.15
C SER B 12 -12.49 3.82 -46.57
N ARG B 13 -13.07 2.75 -46.03
CA ARG B 13 -12.25 1.66 -45.51
C ARG B 13 -11.64 0.85 -46.65
N HIS B 14 -12.46 0.44 -47.61
CA HIS B 14 -12.04 -0.28 -48.80
C HIS B 14 -12.31 0.59 -50.03
N PRO B 15 -11.68 0.30 -51.17
CA PRO B 15 -11.95 1.08 -52.38
C PRO B 15 -13.43 1.10 -52.72
N ALA B 16 -13.91 2.29 -53.09
CA ALA B 16 -15.35 2.51 -53.28
C ALA B 16 -15.82 1.84 -54.57
N GLU B 17 -16.70 0.85 -54.42
CA GLU B 17 -17.34 0.19 -55.56
C GLU B 17 -18.84 0.25 -55.34
N ASN B 18 -19.56 0.91 -56.23
CA ASN B 18 -20.99 1.14 -56.06
C ASN B 18 -21.75 -0.18 -56.04
N GLY B 19 -22.43 -0.45 -54.93
CA GLY B 19 -23.18 -1.68 -54.76
C GLY B 19 -22.67 -2.52 -53.62
N LYS B 20 -21.36 -2.69 -53.54
CA LYS B 20 -20.76 -3.48 -52.47
C LYS B 20 -20.77 -2.69 -51.16
N SER B 21 -20.94 -3.41 -50.05
CA SER B 21 -20.93 -2.78 -48.74
C SER B 21 -19.54 -2.23 -48.42
N ASN B 22 -19.51 -1.19 -47.60
CA ASN B 22 -18.28 -0.49 -47.27
C ASN B 22 -18.45 0.21 -45.94
N PHE B 23 -17.41 0.94 -45.52
CA PHE B 23 -17.43 1.72 -44.29
C PHE B 23 -16.92 3.13 -44.58
N LEU B 24 -17.70 4.13 -44.18
CA LEU B 24 -17.34 5.52 -44.38
C LEU B 24 -16.68 6.04 -43.11
N ASN B 25 -15.44 6.48 -43.23
CA ASN B 25 -14.65 6.93 -42.09
C ASN B 25 -14.42 8.44 -42.15
N CYS B 26 -14.51 9.08 -40.99
CA CYS B 26 -14.16 10.50 -40.84
C CYS B 26 -13.15 10.58 -39.69
N TYR B 27 -11.87 10.63 -40.04
CA TYR B 27 -10.79 10.57 -39.05
C TYR B 27 -10.42 11.99 -38.63
N VAL B 28 -10.62 12.29 -37.35
CA VAL B 28 -10.31 13.60 -36.79
C VAL B 28 -9.14 13.44 -35.83
N SER B 29 -8.10 14.24 -36.03
CA SER B 29 -6.87 14.10 -35.25
C SER B 29 -6.23 15.47 -35.06
N GLY B 30 -5.24 15.50 -34.16
CA GLY B 30 -4.46 16.70 -33.94
C GLY B 30 -5.21 17.85 -33.30
N PHE B 31 -6.18 17.55 -32.44
CA PHE B 31 -7.01 18.58 -31.84
C PHE B 31 -6.89 18.56 -30.33
N HIS B 32 -7.24 19.70 -29.71
CA HIS B 32 -7.24 19.90 -28.27
C HIS B 32 -8.07 21.14 -27.96
N PRO B 33 -8.97 21.09 -26.97
CA PRO B 33 -9.27 19.96 -26.08
C PRO B 33 -10.02 18.82 -26.75
N SER B 34 -10.40 17.82 -25.96
CA SER B 34 -10.99 16.59 -26.51
C SER B 34 -12.44 16.79 -26.92
N ASP B 35 -13.14 17.73 -26.31
CA ASP B 35 -14.55 17.94 -26.63
C ASP B 35 -14.71 18.37 -28.09
N ILE B 36 -15.40 17.54 -28.88
CA ILE B 36 -15.56 17.77 -30.30
C ILE B 36 -16.87 17.11 -30.75
N GLU B 37 -17.43 17.64 -31.83
CA GLU B 37 -18.70 17.14 -32.38
C GLU B 37 -18.47 16.76 -33.84
N VAL B 38 -18.72 15.49 -34.15
CA VAL B 38 -18.50 14.95 -35.49
C VAL B 38 -19.79 14.27 -35.95
N ASP B 39 -20.40 14.81 -36.99
CA ASP B 39 -21.62 14.25 -37.56
C ASP B 39 -21.36 13.86 -39.02
N LEU B 40 -21.80 12.67 -39.40
CA LEU B 40 -21.68 12.22 -40.78
C LEU B 40 -22.95 12.58 -41.54
N LEU B 41 -22.79 13.22 -42.69
CA LEU B 41 -23.90 13.76 -43.46
C LEU B 41 -24.14 12.89 -44.70
N LYS B 42 -25.39 12.53 -44.91
CA LYS B 42 -25.84 11.78 -46.09
C LYS B 42 -26.80 12.66 -46.86
N ASN B 43 -26.31 13.24 -47.96
CA ASN B 43 -27.07 14.22 -48.76
C ASN B 43 -27.50 15.42 -47.92
N GLY B 44 -26.69 15.79 -46.93
CA GLY B 44 -27.00 16.90 -46.06
C GLY B 44 -27.63 16.47 -44.75
N GLU B 45 -28.49 15.46 -44.80
CA GLU B 45 -29.11 14.92 -43.60
C GLU B 45 -28.08 14.20 -42.74
N ARG B 46 -28.36 14.12 -41.44
CA ARG B 46 -27.43 13.53 -40.49
C ARG B 46 -27.66 12.02 -40.40
N ILE B 47 -26.57 11.28 -40.31
CA ILE B 47 -26.62 9.83 -40.15
C ILE B 47 -26.64 9.52 -38.65
N GLU B 48 -27.65 8.77 -38.22
CA GLU B 48 -27.79 8.44 -36.80
C GLU B 48 -27.03 7.18 -36.43
N LYS B 49 -26.84 6.26 -37.37
CA LYS B 49 -26.11 5.01 -37.11
C LYS B 49 -24.62 5.28 -37.35
N VAL B 50 -23.97 5.83 -36.33
CA VAL B 50 -22.56 6.21 -36.43
C VAL B 50 -21.84 5.71 -35.18
N GLU B 51 -20.79 4.92 -35.39
CA GLU B 51 -19.92 4.44 -34.33
C GLU B 51 -18.60 5.22 -34.36
N HIS B 52 -17.86 5.15 -33.25
CA HIS B 52 -16.58 5.83 -33.20
C HIS B 52 -15.68 5.14 -32.18
N SER B 53 -14.38 5.20 -32.45
CA SER B 53 -13.39 4.56 -31.60
C SER B 53 -13.22 5.32 -30.28
N ASP B 54 -12.50 4.70 -29.36
CA ASP B 54 -12.27 5.30 -28.05
C ASP B 54 -11.20 6.39 -28.14
N LEU B 55 -11.35 7.40 -27.28
CA LEU B 55 -10.48 8.56 -27.33
C LEU B 55 -9.04 8.18 -26.98
N SER B 56 -8.10 8.58 -27.82
CA SER B 56 -6.68 8.36 -27.59
C SER B 56 -5.92 9.60 -28.05
N PHE B 57 -4.61 9.60 -27.86
CA PHE B 57 -3.79 10.75 -28.20
C PHE B 57 -2.41 10.28 -28.65
N SER B 58 -1.67 11.20 -29.24
CA SER B 58 -0.36 10.93 -29.81
C SER B 58 0.73 11.49 -28.89
N LYS B 59 1.98 11.44 -29.38
CA LYS B 59 3.11 11.86 -28.55
C LYS B 59 3.05 13.35 -28.23
N ASP B 60 2.56 14.16 -29.16
CA ASP B 60 2.40 15.60 -28.93
C ASP B 60 1.15 15.92 -28.12
N TRP B 61 0.51 14.91 -27.53
CA TRP B 61 -0.69 14.99 -26.68
C TRP B 61 -1.95 15.36 -27.45
N SER B 62 -1.89 15.48 -28.77
CA SER B 62 -3.08 15.78 -29.55
C SER B 62 -3.98 14.56 -29.65
N PHE B 63 -5.29 14.78 -29.49
CA PHE B 63 -6.25 13.69 -29.54
C PHE B 63 -6.54 13.28 -30.98
N TYR B 64 -7.02 12.05 -31.14
CA TYR B 64 -7.47 11.57 -32.44
C TYR B 64 -8.65 10.63 -32.23
N LEU B 65 -9.60 10.67 -33.16
CA LEU B 65 -10.81 9.87 -33.10
C LEU B 65 -11.17 9.40 -34.51
N LEU B 66 -11.77 8.21 -34.59
CA LEU B 66 -12.19 7.63 -35.86
C LEU B 66 -13.68 7.30 -35.78
N TYR B 67 -14.49 8.09 -36.49
CA TYR B 67 -15.91 7.78 -36.66
C TYR B 67 -16.10 6.93 -37.91
N TYR B 68 -17.00 5.96 -37.83
CA TYR B 68 -17.23 5.08 -38.98
C TYR B 68 -18.69 4.67 -39.01
N THR B 69 -19.14 4.32 -40.22
CA THR B 69 -20.52 3.92 -40.46
C THR B 69 -20.56 2.97 -41.64
N GLU B 70 -21.18 1.81 -41.45
CA GLU B 70 -21.36 0.87 -42.55
C GLU B 70 -22.38 1.44 -43.52
N PHE B 71 -21.96 1.68 -44.76
CA PHE B 71 -22.82 2.26 -45.78
C PHE B 71 -22.61 1.56 -47.10
N THR B 72 -23.45 1.90 -48.07
CA THR B 72 -23.35 1.38 -49.43
C THR B 72 -23.08 2.53 -50.39
N PRO B 73 -21.84 2.70 -50.85
CA PRO B 73 -21.53 3.83 -51.73
C PRO B 73 -22.24 3.70 -53.07
N THR B 74 -22.75 4.83 -53.56
CA THR B 74 -23.41 4.90 -54.85
C THR B 74 -22.98 6.18 -55.55
N GLU B 75 -23.23 6.23 -56.86
CA GLU B 75 -22.95 7.43 -57.63
C GLU B 75 -23.96 8.54 -57.38
N LYS B 76 -25.14 8.21 -56.88
CA LYS B 76 -26.18 9.19 -56.62
C LYS B 76 -26.04 9.83 -55.24
N ASP B 77 -25.76 9.02 -54.22
CA ASP B 77 -25.63 9.54 -52.86
C ASP B 77 -24.29 10.23 -52.68
N GLU B 78 -24.33 11.43 -52.09
CA GLU B 78 -23.15 12.22 -51.80
C GLU B 78 -23.04 12.43 -50.29
N TYR B 79 -21.85 12.18 -49.74
CA TYR B 79 -21.65 12.17 -48.31
C TYR B 79 -20.69 13.28 -47.89
N ALA B 80 -20.74 13.61 -46.61
CA ALA B 80 -19.90 14.65 -46.03
C ALA B 80 -19.73 14.37 -44.54
N CYS B 81 -18.95 15.21 -43.87
CA CYS B 81 -18.65 15.05 -42.45
C CYS B 81 -18.56 16.42 -41.81
N ARG B 82 -19.44 16.68 -40.85
CA ARG B 82 -19.49 17.97 -40.14
C ARG B 82 -18.73 17.84 -38.83
N VAL B 83 -17.59 18.52 -38.74
CA VAL B 83 -16.75 18.53 -37.54
C VAL B 83 -16.84 19.91 -36.91
N ASN B 84 -17.02 19.95 -35.59
CA ASN B 84 -17.18 21.20 -34.87
C ASN B 84 -16.29 21.16 -33.63
N HIS B 85 -15.40 22.14 -33.52
CA HIS B 85 -14.46 22.23 -32.41
C HIS B 85 -14.34 23.68 -31.97
N VAL B 86 -13.76 23.90 -30.79
CA VAL B 86 -13.64 25.24 -30.25
C VAL B 86 -12.75 26.13 -31.11
N THR B 87 -11.87 25.53 -31.90
CA THR B 87 -10.95 26.30 -32.74
C THR B 87 -11.57 26.71 -34.07
N LEU B 88 -12.82 26.33 -34.33
CA LEU B 88 -13.45 26.58 -35.62
C LEU B 88 -14.38 27.78 -35.51
N SER B 89 -14.16 28.79 -36.38
CA SER B 89 -15.07 29.92 -36.44
C SER B 89 -16.43 29.50 -36.99
N GLN B 90 -16.47 28.45 -37.80
CA GLN B 90 -17.69 27.89 -38.34
C GLN B 90 -17.47 26.40 -38.51
N PRO B 91 -18.49 25.57 -38.30
CA PRO B 91 -18.31 24.12 -38.46
C PRO B 91 -17.85 23.77 -39.87
N LYS B 92 -16.82 22.92 -39.95
CA LYS B 92 -16.22 22.54 -41.23
C LYS B 92 -16.89 21.27 -41.75
N ILE B 93 -17.30 21.31 -43.01
CA ILE B 93 -17.92 20.18 -43.69
C ILE B 93 -16.99 19.74 -44.80
N VAL B 94 -16.41 18.54 -44.66
CA VAL B 94 -15.50 17.99 -45.65
C VAL B 94 -16.22 16.91 -46.43
N LYS B 95 -16.12 16.97 -47.75
CA LYS B 95 -16.81 16.05 -48.64
C LYS B 95 -15.98 14.79 -48.86
N TRP B 96 -16.68 13.67 -49.01
CA TRP B 96 -16.01 12.40 -49.30
C TRP B 96 -15.79 12.27 -50.80
N ASP B 97 -14.58 12.59 -51.24
CA ASP B 97 -14.17 12.35 -52.62
C ASP B 97 -13.64 10.94 -52.74
N ARG B 98 -14.11 10.20 -53.74
CA ARG B 98 -13.77 8.79 -53.85
C ARG B 98 -12.26 8.58 -54.00
N ASP B 99 -11.61 9.43 -54.79
CA ASP B 99 -10.17 9.32 -55.03
C ASP B 99 -9.36 10.30 -54.19
N MET B 100 -9.72 10.46 -52.93
CA MET B 100 -8.95 11.29 -51.99
C MET B 100 -9.33 10.99 -50.55
N GLY C 1 -1.20 -5.81 -19.06
CA GLY C 1 -1.56 -5.59 -17.68
C GLY C 1 -1.18 -4.22 -17.17
N GLN C 2 -2.09 -3.60 -16.42
CA GLN C 2 -1.86 -2.26 -15.86
C GLN C 2 -1.12 -2.36 -14.53
N VAL C 3 -0.52 -1.24 -14.14
CA VAL C 3 0.21 -1.14 -12.88
C VAL C 3 -0.77 -0.75 -11.79
N MET C 4 -0.65 -1.41 -10.63
CA MET C 4 -1.43 -1.04 -9.45
C MET C 4 -0.67 0.06 -8.72
N VAL C 5 -1.16 1.29 -8.84
CA VAL C 5 -0.52 2.43 -8.18
C VAL C 5 -1.59 3.45 -7.85
N VAL C 6 -1.44 4.10 -6.70
CA VAL C 6 -2.25 5.24 -6.30
C VAL C 6 -1.25 6.34 -5.96
N ALA C 7 -1.05 7.28 -6.88
CA ALA C 7 -0.08 8.36 -6.72
C ALA C 7 -0.73 9.69 -7.03
N PRO C 8 -1.36 10.32 -6.04
CA PRO C 8 -1.97 11.63 -6.27
C PRO C 8 -0.92 12.69 -6.57
N ARG C 9 -1.32 13.67 -7.37
CA ARG C 9 -0.43 14.76 -7.74
C ARG C 9 -0.46 15.87 -6.68
N LYS D 1 -12.48 -13.54 0.87
CA LYS D 1 -11.75 -12.33 0.49
C LYS D 1 -10.24 -12.55 0.56
N GLN D 2 -9.54 -11.60 1.17
CA GLN D 2 -8.09 -11.70 1.36
C GLN D 2 -7.82 -12.36 2.71
N GLU D 3 -7.11 -13.48 2.68
CA GLU D 3 -6.76 -14.22 3.89
C GLU D 3 -5.24 -14.25 4.01
N VAL D 4 -4.72 -13.62 5.05
CA VAL D 4 -3.28 -13.53 5.30
C VAL D 4 -2.94 -14.46 6.46
N THR D 5 -2.09 -15.44 6.20
CA THR D 5 -1.63 -16.39 7.21
C THR D 5 -0.12 -16.27 7.38
N GLN D 6 0.34 -16.45 8.62
CA GLN D 6 1.76 -16.31 8.93
C GLN D 6 2.27 -17.57 9.62
N ILE D 7 3.49 -17.96 9.28
CA ILE D 7 4.16 -19.14 9.84
C ILE D 7 5.57 -18.73 10.22
N PRO D 8 6.04 -19.03 11.45
CA PRO D 8 5.31 -19.69 12.52
C PRO D 8 4.59 -18.70 13.44
N ALA D 9 3.82 -19.21 14.40
CA ALA D 9 3.11 -18.34 15.33
C ALA D 9 4.06 -17.71 16.34
N ALA D 10 4.91 -18.54 16.95
CA ALA D 10 5.91 -18.07 17.89
C ALA D 10 7.28 -18.59 17.48
N LEU D 11 8.32 -18.01 18.08
CA LEU D 11 9.69 -18.36 17.71
C LEU D 11 10.63 -17.92 18.81
N SER D 12 11.14 -18.87 19.59
CA SER D 12 12.14 -18.60 20.63
C SER D 12 13.45 -19.24 20.18
N VAL D 13 14.43 -18.41 19.84
CA VAL D 13 15.67 -18.88 19.25
C VAL D 13 16.84 -18.27 20.00
N PRO D 14 18.01 -18.92 19.96
CA PRO D 14 19.22 -18.29 20.51
C PRO D 14 19.72 -17.18 19.61
N GLU D 15 20.41 -16.22 20.21
CA GLU D 15 20.88 -15.07 19.46
C GLU D 15 21.92 -15.47 18.43
N GLY D 16 21.89 -14.80 17.28
CA GLY D 16 22.78 -15.09 16.18
C GLY D 16 22.21 -15.99 15.12
N GLU D 17 21.03 -16.57 15.34
CA GLU D 17 20.45 -17.49 14.38
C GLU D 17 19.75 -16.74 13.26
N ASN D 18 19.86 -17.28 12.05
CA ASN D 18 19.14 -16.72 10.90
C ASN D 18 17.72 -17.24 10.88
N LEU D 19 16.76 -16.33 10.76
CA LEU D 19 15.35 -16.65 10.92
C LEU D 19 14.63 -16.56 9.58
N VAL D 20 13.60 -17.39 9.43
CA VAL D 20 12.77 -17.44 8.22
C VAL D 20 11.31 -17.29 8.67
N LEU D 21 10.73 -16.12 8.41
CA LEU D 21 9.36 -15.82 8.79
C LEU D 21 8.52 -15.72 7.51
N ASN D 22 7.54 -16.58 7.37
CA ASN D 22 6.76 -16.71 6.15
C ASN D 22 5.41 -16.02 6.26
N CYS D 23 4.86 -15.67 5.10
CA CYS D 23 3.57 -15.02 4.98
C CYS D 23 2.89 -15.48 3.70
N SER D 24 1.59 -15.77 3.80
CA SER D 24 0.82 -16.25 2.67
C SER D 24 -0.45 -15.41 2.54
N PHE D 25 -0.77 -15.00 1.33
CA PHE D 25 -1.99 -14.26 1.04
C PHE D 25 -2.68 -14.86 -0.17
N THR D 26 -4.01 -14.82 -0.16
CA THR D 26 -4.80 -15.47 -1.20
C THR D 26 -5.12 -14.55 -2.38
N ASP D 27 -5.24 -13.25 -2.14
CA ASP D 27 -5.50 -12.28 -3.19
C ASP D 27 -4.18 -11.62 -3.58
N SER D 28 -3.78 -11.77 -4.84
CA SER D 28 -2.50 -11.28 -5.31
C SER D 28 -2.56 -9.88 -5.92
N ALA D 29 -3.75 -9.30 -6.06
CA ALA D 29 -3.89 -7.94 -6.58
C ALA D 29 -3.65 -6.97 -5.43
N ILE D 30 -2.37 -6.72 -5.16
CA ILE D 30 -1.96 -5.96 -3.99
C ILE D 30 -1.12 -4.76 -4.42
N TYR D 31 -1.26 -3.67 -3.67
CA TYR D 31 -0.45 -2.48 -3.93
C TYR D 31 0.93 -2.57 -3.32
N ASN D 32 1.07 -3.28 -2.19
CA ASN D 32 2.35 -3.46 -1.53
C ASN D 32 2.20 -4.55 -0.49
N LEU D 33 3.34 -5.00 0.04
CA LEU D 33 3.38 -5.90 1.18
C LEU D 33 4.40 -5.36 2.18
N GLN D 34 3.95 -5.13 3.40
CA GLN D 34 4.77 -4.57 4.46
C GLN D 34 5.01 -5.59 5.56
N TRP D 35 6.16 -5.45 6.21
CA TRP D 35 6.50 -6.24 7.39
C TRP D 35 6.65 -5.26 8.56
N PHE D 36 5.73 -5.37 9.52
CA PHE D 36 5.77 -4.54 10.72
C PHE D 36 6.35 -5.32 11.89
N ARG D 37 6.85 -4.59 12.87
CA ARG D 37 7.18 -5.15 14.18
C ARG D 37 6.37 -4.39 15.23
N GLN D 38 5.69 -5.13 16.09
CA GLN D 38 4.89 -4.56 17.16
C GLN D 38 5.55 -4.82 18.49
N ASP D 39 5.77 -3.75 19.26
CA ASP D 39 6.33 -3.83 20.59
C ASP D 39 5.32 -3.35 21.61
N PRO D 40 5.22 -4.01 22.77
CA PRO D 40 4.22 -3.62 23.78
C PRO D 40 4.41 -2.17 24.22
N GLY D 41 3.39 -1.35 23.95
CA GLY D 41 3.38 0.04 24.36
C GLY D 41 3.80 1.02 23.29
N LYS D 42 4.54 0.58 22.28
CA LYS D 42 5.04 1.48 21.24
C LYS D 42 4.21 1.44 19.96
N GLY D 43 3.61 0.32 19.62
CA GLY D 43 2.79 0.20 18.43
C GLY D 43 3.52 -0.49 17.30
N LEU D 44 2.94 -0.35 16.11
CA LEU D 44 3.50 -0.96 14.90
C LEU D 44 4.55 -0.05 14.27
N THR D 45 5.62 -0.67 13.78
CA THR D 45 6.70 0.03 13.11
C THR D 45 7.04 -0.72 11.83
N SER D 46 6.83 -0.06 10.69
CA SER D 46 7.09 -0.69 9.40
C SER D 46 8.59 -0.91 9.21
N LEU D 47 8.97 -2.14 8.93
CA LEU D 47 10.37 -2.48 8.70
C LEU D 47 10.74 -2.46 7.23
N LEU D 48 9.89 -3.04 6.38
CA LEU D 48 10.12 -3.09 4.95
C LEU D 48 8.80 -2.90 4.22
N LEU D 49 8.87 -2.24 3.06
CA LEU D 49 7.71 -2.06 2.19
C LEU D 49 8.10 -2.55 0.80
N ILE D 50 7.61 -3.72 0.42
CA ILE D 50 7.85 -4.26 -0.92
C ILE D 50 6.79 -3.71 -1.84
N GLN D 51 7.22 -3.04 -2.91
CA GLN D 51 6.28 -2.45 -3.84
C GLN D 51 5.51 -3.53 -4.60
N SER D 52 4.44 -3.11 -5.28
CA SER D 52 3.58 -4.06 -5.97
C SER D 52 4.34 -4.88 -6.99
N SER D 53 5.24 -4.24 -7.74
CA SER D 53 5.97 -4.90 -8.81
C SER D 53 7.38 -5.32 -8.39
N GLN D 54 7.75 -5.10 -7.15
CA GLN D 54 9.05 -5.54 -6.64
C GLN D 54 8.97 -6.98 -6.16
N ARG D 55 10.10 -7.68 -6.27
CA ARG D 55 10.18 -9.06 -5.81
C ARG D 55 10.94 -9.21 -4.49
N GLU D 56 11.65 -8.18 -4.05
CA GLU D 56 12.31 -8.23 -2.75
C GLU D 56 12.72 -6.83 -2.32
N GLN D 57 12.88 -6.68 -1.00
CA GLN D 57 13.40 -5.46 -0.40
C GLN D 57 14.40 -5.84 0.68
N THR D 58 15.29 -4.90 1.01
CA THR D 58 16.39 -5.17 1.92
C THR D 58 16.65 -3.95 2.79
N SER D 59 16.86 -4.18 4.09
CA SER D 59 17.19 -3.11 5.04
C SER D 59 18.06 -3.72 6.13
N GLY D 60 19.37 -3.53 6.02
CA GLY D 60 20.31 -4.07 6.98
C GLY D 60 20.26 -5.59 7.07
N ARG D 61 19.98 -6.10 8.27
CA ARG D 61 19.86 -7.53 8.48
C ARG D 61 18.51 -8.09 8.01
N LEU D 62 17.59 -7.23 7.59
CA LEU D 62 16.28 -7.65 7.11
C LEU D 62 16.30 -7.76 5.60
N ASN D 63 15.70 -8.83 5.08
CA ASN D 63 15.65 -9.10 3.65
C ASN D 63 14.37 -9.89 3.39
N ALA D 64 13.37 -9.23 2.80
CA ALA D 64 12.09 -9.84 2.54
C ALA D 64 11.87 -10.02 1.04
N SER D 65 11.18 -11.10 0.68
CA SER D 65 10.87 -11.40 -0.71
C SER D 65 9.36 -11.32 -0.92
N LEU D 66 8.96 -11.25 -2.19
CA LEU D 66 7.56 -11.17 -2.57
C LEU D 66 7.33 -11.96 -3.85
N ASP D 67 6.30 -12.80 -3.85
CA ASP D 67 5.91 -13.59 -5.02
C ASP D 67 4.38 -13.55 -5.09
N LYS D 68 3.85 -12.61 -5.87
CA LYS D 68 2.40 -12.48 -5.98
C LYS D 68 1.78 -13.65 -6.75
N SER D 69 2.51 -14.20 -7.73
CA SER D 69 1.97 -15.30 -8.52
C SER D 69 1.60 -16.49 -7.64
N SER D 70 2.34 -16.71 -6.56
CA SER D 70 2.05 -17.78 -5.62
C SER D 70 1.41 -17.27 -4.33
N GLY D 71 1.45 -15.97 -4.08
CA GLY D 71 0.91 -15.42 -2.86
C GLY D 71 1.78 -15.72 -1.65
N ARG D 72 3.07 -15.47 -1.79
CA ARG D 72 4.05 -15.81 -0.76
C ARG D 72 4.93 -14.62 -0.46
N SER D 73 5.42 -14.58 0.78
CA SER D 73 6.40 -13.60 1.20
C SER D 73 7.20 -14.18 2.36
N THR D 74 8.49 -13.88 2.40
CA THR D 74 9.38 -14.43 3.42
C THR D 74 10.29 -13.33 3.93
N LEU D 75 10.22 -13.06 5.23
CA LEU D 75 11.10 -12.10 5.88
C LEU D 75 12.30 -12.87 6.45
N TYR D 76 13.48 -12.61 5.89
CA TYR D 76 14.71 -13.21 6.39
C TYR D 76 15.38 -12.26 7.38
N ILE D 77 15.71 -12.78 8.56
CA ILE D 77 16.36 -11.99 9.61
C ILE D 77 17.71 -12.64 9.87
N ALA D 78 18.77 -12.01 9.39
CA ALA D 78 20.12 -12.54 9.57
C ALA D 78 20.69 -12.09 10.91
N ALA D 79 21.34 -13.03 11.60
CA ALA D 79 21.98 -12.78 12.89
C ALA D 79 21.02 -12.09 13.86
N SER D 80 20.03 -12.87 14.31
CA SER D 80 18.98 -12.32 15.17
C SER D 80 19.58 -11.81 16.48
N GLN D 81 19.09 -10.66 16.93
CA GLN D 81 19.55 -10.03 18.16
C GLN D 81 18.39 -9.93 19.15
N PRO D 82 18.69 -9.88 20.46
CA PRO D 82 17.61 -9.73 21.44
C PRO D 82 16.71 -8.52 21.18
N GLY D 83 17.27 -7.43 20.66
CA GLY D 83 16.47 -6.26 20.32
C GLY D 83 15.47 -6.47 19.21
N ASP D 84 15.55 -7.60 18.50
CA ASP D 84 14.60 -7.95 17.46
C ASP D 84 13.36 -8.66 18.01
N SER D 85 13.33 -8.94 19.32
CA SER D 85 12.20 -9.63 19.93
C SER D 85 10.94 -8.77 19.85
N ALA D 86 9.98 -9.19 19.03
CA ALA D 86 8.71 -8.49 18.85
C ALA D 86 7.79 -9.40 18.07
N THR D 87 6.56 -8.93 17.84
CA THR D 87 5.62 -9.61 16.96
C THR D 87 5.79 -9.05 15.55
N TYR D 88 6.11 -9.93 14.60
CA TYR D 88 6.35 -9.54 13.23
C TYR D 88 5.08 -9.77 12.42
N LEU D 89 4.48 -8.68 11.93
CA LEU D 89 3.18 -8.71 11.30
C LEU D 89 3.34 -8.53 9.79
N CYS D 90 2.72 -9.43 9.03
CA CYS D 90 2.66 -9.32 7.58
C CYS D 90 1.42 -8.51 7.21
N ALA D 91 1.63 -7.39 6.52
CA ALA D 91 0.56 -6.50 6.13
C ALA D 91 0.49 -6.41 4.61
N VAL D 92 -0.73 -6.37 4.09
CA VAL D 92 -0.95 -6.32 2.65
C VAL D 92 -2.04 -5.29 2.36
N SER D 93 -1.93 -4.63 1.20
CA SER D 93 -2.84 -3.57 0.80
C SER D 93 -3.52 -3.96 -0.50
N ASN D 94 -4.85 -4.07 -0.45
CA ASN D 94 -5.65 -4.44 -1.61
C ASN D 94 -6.45 -3.24 -2.10
N PHE D 95 -7.29 -3.47 -3.12
CA PHE D 95 -8.10 -2.40 -3.68
C PHE D 95 -9.00 -1.77 -2.62
N ASN D 96 -9.60 -2.60 -1.77
CA ASN D 96 -10.63 -2.14 -0.85
C ASN D 96 -10.04 -1.64 0.47
N LYS D 97 -9.28 -2.48 1.17
CA LYS D 97 -8.78 -2.14 2.49
C LYS D 97 -7.45 -2.83 2.71
N PHE D 98 -6.92 -2.72 3.93
CA PHE D 98 -5.68 -3.34 4.33
C PHE D 98 -5.96 -4.58 5.17
N TYR D 99 -5.10 -5.58 5.03
CA TYR D 99 -5.23 -6.83 5.77
C TYR D 99 -3.94 -7.13 6.50
N PHE D 100 -4.06 -7.67 7.71
CA PHE D 100 -2.92 -8.05 8.52
C PHE D 100 -2.97 -9.54 8.85
N GLY D 101 -1.81 -10.08 9.21
CA GLY D 101 -1.70 -11.48 9.57
C GLY D 101 -1.69 -11.69 11.07
N SER D 102 -1.72 -12.97 11.47
CA SER D 102 -1.71 -13.32 12.88
C SER D 102 -0.47 -12.79 13.57
N GLY D 103 0.69 -12.92 12.93
CA GLY D 103 1.93 -12.43 13.47
C GLY D 103 2.80 -13.57 13.98
N THR D 104 4.10 -13.27 14.08
CA THR D 104 5.10 -14.20 14.61
C THR D 104 5.73 -13.55 15.83
N LYS D 105 5.40 -14.06 17.02
CA LYS D 105 6.00 -13.54 18.24
C LYS D 105 7.42 -14.07 18.35
N LEU D 106 8.40 -13.18 18.25
CA LEU D 106 9.80 -13.55 18.27
C LEU D 106 10.42 -13.23 19.62
N ASN D 107 11.21 -14.17 20.14
CA ASN D 107 12.00 -13.96 21.35
C ASN D 107 13.40 -14.48 21.07
N VAL D 108 14.37 -13.58 21.03
CA VAL D 108 15.75 -13.92 20.75
C VAL D 108 16.48 -13.98 22.08
N LYS D 109 16.94 -15.19 22.44
CA LYS D 109 17.56 -15.40 23.74
C LYS D 109 19.02 -14.95 23.71
N PRO D 110 19.45 -14.09 24.63
CA PRO D 110 20.87 -13.76 24.72
C PRO D 110 21.66 -14.93 25.31
N ASN D 111 22.91 -15.06 24.86
CA ASN D 111 23.74 -16.17 25.30
C ASN D 111 24.39 -15.85 26.63
N ILE D 112 24.34 -16.81 27.55
CA ILE D 112 24.99 -16.70 28.86
C ILE D 112 26.29 -17.49 28.78
N GLN D 113 27.41 -16.78 28.75
CA GLN D 113 28.73 -17.40 28.60
C GLN D 113 28.96 -18.44 29.70
N ASN D 114 29.08 -17.99 30.94
CA ASN D 114 29.16 -18.90 32.08
C ASN D 114 27.99 -18.63 33.02
N PRO D 115 26.98 -19.48 33.01
CA PRO D 115 25.86 -19.30 33.94
C PRO D 115 26.26 -19.63 35.37
N ASP D 116 25.46 -19.14 36.30
CA ASP D 116 25.63 -19.44 37.73
C ASP D 116 24.24 -19.60 38.34
N PRO D 117 23.51 -20.64 37.94
CA PRO D 117 22.12 -20.78 38.40
C PRO D 117 22.05 -20.98 39.90
N ALA D 118 21.05 -20.36 40.51
CA ALA D 118 20.91 -20.40 41.96
C ALA D 118 19.49 -19.98 42.34
N VAL D 119 19.08 -20.39 43.53
CA VAL D 119 17.80 -20.01 44.11
C VAL D 119 18.08 -19.24 45.40
N TYR D 120 17.39 -18.12 45.58
CA TYR D 120 17.61 -17.24 46.73
C TYR D 120 16.28 -16.86 47.36
N GLN D 121 16.27 -16.79 48.69
CA GLN D 121 15.13 -16.25 49.44
C GLN D 121 15.34 -14.76 49.61
N LEU D 122 14.38 -13.96 49.17
CA LEU D 122 14.45 -12.52 49.35
C LEU D 122 13.76 -12.11 50.64
N ARG D 123 14.27 -11.04 51.25
CA ARG D 123 13.68 -10.52 52.48
C ARG D 123 12.21 -10.17 52.26
N ASP D 124 11.45 -10.19 53.35
CA ASP D 124 9.98 -10.02 53.33
C ASP D 124 9.32 -11.17 52.58
N ASP D 129 1.50 -11.21 53.24
CA ASP D 129 1.75 -12.59 53.65
C ASP D 129 2.59 -13.33 52.60
N LYS D 130 3.36 -12.56 51.83
CA LYS D 130 4.10 -13.10 50.70
C LYS D 130 5.57 -13.31 51.06
N SER D 131 6.18 -14.29 50.41
CA SER D 131 7.61 -14.57 50.53
C SER D 131 8.10 -15.05 49.17
N VAL D 132 9.23 -14.51 48.72
CA VAL D 132 9.64 -14.61 47.32
C VAL D 132 10.93 -15.43 47.20
N CYS D 133 10.95 -16.31 46.21
CA CYS D 133 12.15 -17.00 45.76
C CYS D 133 12.55 -16.46 44.39
N LEU D 134 13.83 -16.64 44.03
CA LEU D 134 14.35 -16.12 42.77
C LEU D 134 15.29 -17.15 42.16
N PHE D 135 14.86 -17.75 41.05
CA PHE D 135 15.73 -18.57 40.22
C PHE D 135 16.38 -17.66 39.19
N THR D 136 17.70 -17.52 39.26
CA THR D 136 18.38 -16.51 38.46
C THR D 136 19.72 -17.03 37.95
N ASP D 137 20.25 -16.31 36.95
CA ASP D 137 21.60 -16.53 36.43
C ASP D 137 21.76 -17.87 35.73
N PHE D 138 20.68 -18.43 35.21
CA PHE D 138 20.77 -19.68 34.48
C PHE D 138 20.91 -19.41 32.99
N ASP D 139 21.25 -20.47 32.24
CA ASP D 139 21.44 -20.33 30.81
C ASP D 139 20.11 -20.13 30.09
N SER D 140 20.20 -19.69 28.83
CA SER D 140 19.00 -19.36 28.06
C SER D 140 18.24 -20.60 27.60
N GLN D 141 18.78 -21.79 27.80
CA GLN D 141 18.09 -23.02 27.41
C GLN D 141 17.41 -23.71 28.58
N THR D 142 17.45 -23.12 29.77
CA THR D 142 16.76 -23.68 30.93
C THR D 142 15.29 -23.31 30.86
N ASN D 143 14.42 -24.33 30.83
CA ASN D 143 12.98 -24.12 30.76
C ASN D 143 12.42 -24.00 32.17
N VAL D 144 11.85 -22.84 32.48
CA VAL D 144 11.20 -22.62 33.78
C VAL D 144 9.74 -23.04 33.63
N SER D 145 9.39 -24.18 34.21
CA SER D 145 8.06 -24.74 34.07
C SER D 145 7.13 -24.23 35.17
N GLN D 146 5.83 -24.40 34.93
CA GLN D 146 4.82 -24.01 35.90
C GLN D 146 4.85 -24.94 37.11
N SER D 147 4.18 -24.52 38.17
CA SER D 147 4.19 -25.27 39.43
C SER D 147 3.09 -26.33 39.43
N LYS D 148 3.32 -27.38 40.21
CA LYS D 148 2.31 -28.40 40.46
C LYS D 148 1.35 -28.01 41.59
N ASP D 149 1.53 -26.85 42.20
CA ASP D 149 0.68 -26.37 43.27
C ASP D 149 0.17 -24.99 42.90
N SER D 150 -1.14 -24.82 42.85
CA SER D 150 -1.74 -23.55 42.48
C SER D 150 -1.62 -22.50 43.59
N ASP D 151 -1.22 -22.89 44.80
CA ASP D 151 -0.86 -21.93 45.83
C ASP D 151 0.53 -21.37 45.65
N VAL D 152 1.29 -21.88 44.67
CA VAL D 152 2.64 -21.42 44.37
C VAL D 152 2.63 -20.81 42.98
N TYR D 153 2.95 -19.52 42.90
CA TYR D 153 2.99 -18.80 41.63
C TYR D 153 4.43 -18.71 41.14
N ILE D 154 4.65 -19.10 39.89
CA ILE D 154 5.98 -19.05 39.27
C ILE D 154 5.85 -18.32 37.95
N THR D 155 6.60 -17.23 37.80
CA THR D 155 6.61 -16.49 36.54
C THR D 155 7.59 -17.11 35.55
N ASP D 156 7.48 -16.70 34.30
CA ASP D 156 8.37 -17.18 33.26
C ASP D 156 9.71 -16.44 33.32
N LYS D 157 10.69 -16.96 32.59
CA LYS D 157 12.01 -16.35 32.56
C LYS D 157 11.94 -14.94 31.98
N CYS D 158 12.84 -14.08 32.46
CA CYS D 158 12.80 -12.66 32.14
C CYS D 158 14.23 -12.14 32.18
N VAL D 159 14.68 -11.55 31.07
CA VAL D 159 16.08 -11.18 30.89
C VAL D 159 16.23 -9.69 31.15
N LEU D 160 17.06 -9.34 32.13
CA LEU D 160 17.43 -7.96 32.40
C LEU D 160 18.83 -7.69 31.85
N ASP D 161 19.04 -6.46 31.39
CA ASP D 161 20.28 -6.06 30.75
C ASP D 161 20.91 -4.92 31.54
N MET D 162 21.97 -5.22 32.29
CA MET D 162 22.74 -4.21 33.00
C MET D 162 23.70 -3.58 31.99
N ARG D 163 23.32 -2.42 31.46
CA ARG D 163 24.05 -1.84 30.33
C ARG D 163 25.47 -1.44 30.71
N SER D 164 25.65 -0.89 31.91
CA SER D 164 26.95 -0.42 32.36
C SER D 164 27.99 -1.54 32.48
N MET D 165 27.56 -2.80 32.50
CA MET D 165 28.48 -3.92 32.56
C MET D 165 28.29 -4.93 31.44
N ASP D 166 27.35 -4.68 30.52
CA ASP D 166 27.06 -5.60 29.42
C ASP D 166 26.73 -6.99 29.95
N PHE D 167 26.06 -7.04 31.10
CA PHE D 167 25.74 -8.27 31.80
C PHE D 167 24.24 -8.53 31.70
N LYS D 168 23.85 -9.51 30.90
CA LYS D 168 22.46 -9.93 30.79
C LYS D 168 22.24 -11.14 31.69
N SER D 169 21.07 -11.18 32.35
CA SER D 169 20.78 -12.20 33.34
C SER D 169 19.35 -12.67 33.22
N ASN D 170 19.15 -13.97 33.28
CA ASN D 170 17.82 -14.57 33.34
C ASN D 170 17.38 -14.68 34.79
N SER D 171 16.08 -14.55 35.01
CA SER D 171 15.53 -14.62 36.35
C SER D 171 14.06 -15.01 36.30
N ALA D 172 13.64 -15.83 37.27
CA ALA D 172 12.25 -16.22 37.43
C ALA D 172 11.89 -16.13 38.90
N VAL D 173 10.71 -15.57 39.18
CA VAL D 173 10.26 -15.27 40.54
C VAL D 173 9.19 -16.28 40.93
N ALA D 174 9.25 -16.72 42.19
CA ALA D 174 8.24 -17.60 42.77
C ALA D 174 7.84 -17.08 44.14
N TRP D 175 6.55 -17.16 44.45
CA TRP D 175 6.05 -16.75 45.75
C TRP D 175 4.81 -17.57 46.10
N SER D 176 4.50 -17.61 47.39
CA SER D 176 3.35 -18.38 47.87
C SER D 176 2.95 -17.86 49.23
N ASN D 177 1.68 -17.46 49.38
CA ASN D 177 1.14 -17.08 50.68
C ASN D 177 0.74 -18.28 51.53
N LYS D 178 1.54 -19.35 51.47
CA LYS D 178 1.23 -20.61 52.13
C LYS D 178 2.43 -21.04 52.98
N SER D 179 2.13 -21.54 54.18
CA SER D 179 3.19 -22.04 55.05
C SER D 179 3.78 -23.33 54.47
N ASP D 180 4.90 -23.75 55.05
CA ASP D 180 5.67 -24.91 54.60
C ASP D 180 6.23 -24.72 53.19
N PHE D 181 6.24 -23.49 52.69
CA PHE D 181 6.78 -23.18 51.38
C PHE D 181 8.24 -22.76 51.52
N ALA D 182 9.13 -23.45 50.81
CA ALA D 182 10.55 -23.17 50.86
C ALA D 182 11.08 -22.96 49.43
N CYS D 183 12.21 -22.27 49.35
CA CYS D 183 12.81 -22.01 48.04
C CYS D 183 13.63 -23.18 47.52
N ALA D 184 14.07 -24.08 48.41
CA ALA D 184 14.78 -25.27 47.96
C ALA D 184 13.87 -26.18 47.14
N ASN D 185 12.56 -26.15 47.41
CA ASN D 185 11.58 -26.92 46.67
C ASN D 185 10.60 -26.03 45.90
N ALA D 186 10.95 -24.76 45.71
CA ALA D 186 10.06 -23.85 45.00
C ALA D 186 10.02 -24.16 43.51
N PHE D 187 11.20 -24.31 42.90
CA PHE D 187 11.31 -24.64 41.48
C PHE D 187 11.57 -26.12 41.25
N ASN D 188 10.93 -26.98 42.06
CA ASN D 188 11.13 -28.41 41.97
C ASN D 188 10.60 -29.00 40.67
N ASN D 189 9.68 -28.31 39.99
CA ASN D 189 9.00 -28.87 38.83
C ASN D 189 9.72 -28.57 37.52
N SER D 190 10.83 -27.82 37.55
CA SER D 190 11.57 -27.48 36.35
C SER D 190 12.84 -28.32 36.26
N ILE D 191 13.31 -28.51 35.03
CA ILE D 191 14.59 -29.18 34.80
C ILE D 191 15.70 -28.20 35.16
N ILE D 192 16.03 -28.12 36.44
CA ILE D 192 17.01 -27.15 36.93
C ILE D 192 18.41 -27.73 36.75
N PRO D 193 19.42 -26.91 36.47
CA PRO D 193 20.78 -27.44 36.28
C PRO D 193 21.32 -28.03 37.57
N GLU D 194 22.17 -29.05 37.42
CA GLU D 194 22.72 -29.76 38.57
C GLU D 194 23.64 -28.86 39.40
N ASP D 195 24.33 -27.92 38.75
CA ASP D 195 25.22 -26.98 39.44
C ASP D 195 24.49 -25.77 39.99
N THR D 196 23.21 -25.91 40.36
CA THR D 196 22.44 -24.81 40.90
C THR D 196 22.84 -24.58 42.37
N PHE D 197 23.24 -23.35 42.69
CA PHE D 197 23.67 -23.02 44.04
C PHE D 197 22.46 -22.87 44.94
N PHE D 198 22.38 -23.71 45.98
CA PHE D 198 21.28 -23.67 46.95
C PHE D 198 21.84 -23.24 48.30
N PRO D 199 21.83 -21.95 48.62
CA PRO D 199 22.30 -21.51 49.94
C PRO D 199 21.33 -21.95 51.04
N SER D 200 21.87 -22.50 52.12
CA SER D 200 21.06 -22.98 53.22
C SER D 200 21.79 -22.75 54.53
N PRO D 201 21.16 -22.09 55.51
CA PRO D 201 21.75 -21.86 56.83
C PRO D 201 21.52 -23.03 57.78
N GLY E 1 5.44 12.32 15.92
CA GLY E 1 4.77 11.04 15.84
C GLY E 1 3.29 11.11 16.14
N VAL E 2 2.59 10.00 15.91
CA VAL E 2 1.15 9.94 16.17
C VAL E 2 0.91 9.75 17.65
N THR E 3 -0.01 10.53 18.21
CA THR E 3 -0.36 10.46 19.62
C THR E 3 -1.83 10.07 19.76
N GLN E 4 -2.11 9.21 20.73
CA GLN E 4 -3.47 8.74 20.99
C GLN E 4 -3.83 8.98 22.45
N THR E 5 -5.07 9.42 22.68
CA THR E 5 -5.60 9.65 24.01
C THR E 5 -7.02 9.09 24.06
N PRO E 6 -7.40 8.45 25.18
CA PRO E 6 -6.54 8.20 26.35
C PRO E 6 -5.71 6.94 26.20
N LYS E 7 -4.73 6.75 27.09
CA LYS E 7 -3.89 5.55 27.01
C LYS E 7 -4.68 4.30 27.37
N HIS E 8 -5.49 4.35 28.43
CA HIS E 8 -6.28 3.21 28.86
C HIS E 8 -7.71 3.67 29.11
N LEU E 9 -8.62 2.70 29.13
CA LEU E 9 -10.04 3.01 29.24
C LEU E 9 -10.76 1.80 29.81
N ILE E 10 -11.22 1.92 31.05
CA ILE E 10 -12.05 0.89 31.70
C ILE E 10 -13.49 1.36 31.64
N THR E 11 -14.38 0.50 31.15
CA THR E 11 -15.76 0.89 30.95
C THR E 11 -16.67 -0.31 31.19
N ALA E 12 -17.97 -0.05 31.20
CA ALA E 12 -18.99 -1.06 31.40
C ALA E 12 -19.83 -1.22 30.13
N THR E 13 -20.64 -2.28 30.11
CA THR E 13 -21.50 -2.54 28.97
C THR E 13 -22.55 -1.44 28.83
N GLY E 14 -22.90 -1.13 27.58
CA GLY E 14 -23.84 -0.07 27.28
C GLY E 14 -23.26 1.32 27.30
N GLN E 15 -22.05 1.50 27.83
CA GLN E 15 -21.42 2.80 27.91
C GLN E 15 -20.92 3.22 26.52
N ARG E 16 -20.36 4.42 26.44
CA ARG E 16 -19.82 4.94 25.18
C ARG E 16 -18.50 5.63 25.45
N VAL E 17 -17.53 5.41 24.54
CA VAL E 17 -16.20 5.96 24.69
C VAL E 17 -15.82 6.70 23.41
N THR E 18 -15.04 7.76 23.58
CA THR E 18 -14.52 8.56 22.47
C THR E 18 -13.00 8.44 22.45
N LEU E 19 -12.46 7.92 21.37
CA LEU E 19 -11.02 7.78 21.18
C LEU E 19 -10.52 8.87 20.23
N ARG E 20 -9.40 9.48 20.59
CA ARG E 20 -8.84 10.59 19.83
C ARG E 20 -7.47 10.22 19.29
N CYS E 21 -7.04 10.97 18.28
CA CYS E 21 -5.79 10.69 17.59
C CYS E 21 -5.29 11.96 16.91
N SER E 22 -4.03 12.30 17.15
CA SER E 22 -3.38 13.39 16.45
C SER E 22 -2.37 12.82 15.48
N PRO E 23 -2.63 12.83 14.17
CA PRO E 23 -1.66 12.29 13.21
C PRO E 23 -0.36 13.08 13.22
N ARG E 24 0.65 12.53 12.55
CA ARG E 24 1.88 13.26 12.36
C ARG E 24 1.59 14.58 11.66
N SER E 25 2.26 15.64 12.11
CA SER E 25 2.08 16.94 11.48
C SER E 25 2.42 16.84 9.99
N GLY E 26 1.48 17.28 9.15
CA GLY E 26 1.63 17.20 7.72
C GLY E 26 0.94 16.01 7.09
N ASP E 27 0.68 14.96 7.85
CA ASP E 27 -0.04 13.80 7.32
C ASP E 27 -1.50 14.14 7.10
N LEU E 28 -2.00 13.82 5.91
CA LEU E 28 -3.39 14.10 5.55
C LEU E 28 -4.33 12.94 5.81
N SER E 29 -3.82 11.72 5.92
CA SER E 29 -4.64 10.53 6.03
C SER E 29 -4.49 9.91 7.41
N VAL E 30 -5.61 9.48 8.00
CA VAL E 30 -5.63 8.80 9.28
C VAL E 30 -6.31 7.44 9.11
N TYR E 31 -5.86 6.47 9.90
CA TYR E 31 -6.40 5.11 9.87
C TYR E 31 -6.78 4.71 11.28
N TRP E 32 -7.78 3.84 11.39
CA TRP E 32 -8.19 3.27 12.68
C TRP E 32 -8.20 1.76 12.56
N TYR E 33 -7.63 1.08 13.56
CA TYR E 33 -7.57 -0.37 13.60
C TYR E 33 -8.06 -0.87 14.95
N GLN E 34 -8.46 -2.15 14.97
CA GLN E 34 -8.81 -2.84 16.19
C GLN E 34 -8.04 -4.15 16.24
N GLN E 35 -7.36 -4.41 17.35
CA GLN E 35 -6.55 -5.61 17.52
C GLN E 35 -7.11 -6.42 18.68
N SER E 36 -7.70 -7.57 18.37
CA SER E 36 -8.22 -8.51 19.35
C SER E 36 -7.47 -9.83 19.20
N LEU E 37 -7.81 -10.79 20.07
CA LEU E 37 -7.18 -12.10 20.00
C LEU E 37 -7.86 -12.99 18.97
N ASP E 38 -9.19 -12.92 18.88
CA ASP E 38 -9.92 -13.78 17.96
C ASP E 38 -9.89 -13.27 16.53
N GLN E 39 -9.82 -11.95 16.33
CA GLN E 39 -9.80 -11.38 14.99
C GLN E 39 -8.47 -10.75 14.61
N GLY E 40 -7.54 -10.60 15.55
CA GLY E 40 -6.28 -9.98 15.21
C GLY E 40 -6.44 -8.50 14.92
N LEU E 41 -5.47 -7.95 14.18
CA LEU E 41 -5.47 -6.55 13.81
C LEU E 41 -6.38 -6.36 12.61
N GLN E 42 -7.53 -5.71 12.84
CA GLN E 42 -8.54 -5.50 11.81
C GLN E 42 -8.58 -4.03 11.41
N PHE E 43 -8.59 -3.78 10.11
CA PHE E 43 -8.74 -2.42 9.61
C PHE E 43 -10.19 -1.98 9.76
N LEU E 44 -10.39 -0.78 10.30
CA LEU E 44 -11.73 -0.27 10.56
C LEU E 44 -12.15 0.81 9.56
N ILE E 45 -11.41 1.92 9.47
CA ILE E 45 -11.81 3.02 8.60
C ILE E 45 -10.59 3.86 8.31
N GLN E 46 -10.62 4.56 7.17
CA GLN E 46 -9.56 5.47 6.77
C GLN E 46 -10.17 6.78 6.29
N TYR E 47 -9.54 7.89 6.69
CA TYR E 47 -9.94 9.21 6.26
C TYR E 47 -8.78 9.89 5.55
N TYR E 48 -9.10 10.72 4.56
CA TYR E 48 -8.10 11.43 3.76
C TYR E 48 -8.60 12.84 3.50
N ASN E 49 -7.93 13.81 4.12
CA ASN E 49 -8.29 15.24 4.00
C ASN E 49 -9.71 15.50 4.48
N GLY E 50 -10.16 14.75 5.49
CA GLY E 50 -11.47 14.91 6.05
C GLY E 50 -12.54 14.00 5.46
N GLU E 51 -12.26 13.35 4.35
CA GLU E 51 -13.24 12.50 3.68
C GLU E 51 -12.93 11.02 3.94
N GLU E 52 -13.96 10.24 4.20
CA GLU E 52 -13.82 8.80 4.37
C GLU E 52 -13.41 8.17 3.05
N ARG E 53 -12.30 7.44 3.07
CA ARG E 53 -11.76 6.80 1.86
C ARG E 53 -11.91 5.29 1.85
N ALA E 54 -11.61 4.62 2.96
CA ALA E 54 -11.70 3.17 3.03
C ALA E 54 -12.46 2.76 4.28
N LYS E 55 -13.03 1.56 4.24
CA LYS E 55 -13.82 1.03 5.34
C LYS E 55 -13.58 -0.47 5.45
N GLY E 56 -13.19 -0.93 6.63
CA GLY E 56 -13.04 -2.34 6.88
C GLY E 56 -14.36 -2.98 7.29
N ASN E 57 -14.33 -3.83 8.31
CA ASN E 57 -15.55 -4.40 8.86
C ASN E 57 -15.98 -3.64 10.11
N ILE E 58 -16.13 -2.33 9.93
CA ILE E 58 -16.50 -1.43 11.01
C ILE E 58 -17.98 -1.61 11.32
N LEU E 59 -18.31 -1.60 12.62
CA LEU E 59 -19.69 -1.81 13.04
C LEU E 59 -20.49 -0.52 12.96
N GLU E 60 -21.82 -0.67 12.96
CA GLU E 60 -22.69 0.49 12.92
C GLU E 60 -22.59 1.32 14.18
N ARG E 61 -22.32 0.68 15.33
CA ARG E 61 -22.16 1.42 16.58
C ARG E 61 -20.82 2.15 16.65
N PHE E 62 -19.96 2.01 15.65
CA PHE E 62 -18.66 2.68 15.62
C PHE E 62 -18.75 3.88 14.69
N SER E 63 -18.48 5.07 15.22
CA SER E 63 -18.58 6.31 14.47
C SER E 63 -17.23 7.03 14.51
N ALA E 64 -16.80 7.53 13.36
CA ALA E 64 -15.50 8.19 13.25
C ALA E 64 -15.61 9.39 12.30
N GLN E 65 -14.61 10.26 12.39
CA GLN E 65 -14.53 11.43 11.52
C GLN E 65 -13.12 12.00 11.59
N GLN E 66 -12.79 12.82 10.59
CA GLN E 66 -11.54 13.56 10.57
C GLN E 66 -11.85 15.05 10.53
N PHE E 67 -11.29 15.78 11.47
CA PHE E 67 -11.60 17.20 11.64
C PHE E 67 -10.75 18.06 10.70
N PRO E 68 -11.13 19.32 10.50
CA PRO E 68 -10.33 20.19 9.61
C PRO E 68 -8.87 20.31 10.02
N ASP E 69 -8.56 20.21 11.31
CA ASP E 69 -7.16 20.24 11.73
C ASP E 69 -6.47 18.90 11.52
N LEU E 70 -7.14 18.00 10.82
CA LEU E 70 -6.68 16.69 10.37
C LEU E 70 -6.64 15.67 11.50
N HIS E 71 -6.93 16.05 12.73
N HIS E 71 -6.93 16.07 12.72
CA HIS E 71 -7.02 15.09 13.83
CA HIS E 71 -7.04 15.12 13.81
C HIS E 71 -8.36 14.36 13.78
C HIS E 71 -8.34 14.32 13.68
N SER E 72 -8.36 13.14 14.30
CA SER E 72 -9.47 12.22 14.15
C SER E 72 -10.11 11.89 15.50
N GLU E 73 -11.28 11.27 15.41
CA GLU E 73 -12.08 10.87 16.57
C GLU E 73 -12.76 9.56 16.25
N LEU E 74 -12.84 8.66 17.24
CA LEU E 74 -13.50 7.38 17.08
C LEU E 74 -14.43 7.15 18.27
N ASN E 75 -15.73 7.07 17.99
CA ASN E 75 -16.74 6.82 19.01
C ASN E 75 -17.20 5.37 18.94
N LEU E 76 -17.13 4.68 20.08
CA LEU E 76 -17.64 3.32 20.22
C LEU E 76 -18.84 3.39 21.16
N SER E 77 -20.04 3.20 20.61
CA SER E 77 -21.28 3.31 21.36
C SER E 77 -21.88 1.94 21.60
N SER E 78 -22.78 1.86 22.60
CA SER E 78 -23.44 0.62 23.00
C SER E 78 -22.42 -0.49 23.20
N LEU E 79 -21.44 -0.22 24.06
CA LEU E 79 -20.27 -1.09 24.19
C LEU E 79 -20.66 -2.47 24.67
N GLU E 80 -19.93 -3.48 24.19
CA GLU E 80 -20.12 -4.86 24.56
C GLU E 80 -18.80 -5.43 25.05
N LEU E 81 -18.88 -6.62 25.67
CA LEU E 81 -17.66 -7.27 26.17
C LEU E 81 -16.70 -7.59 25.03
N GLY E 82 -17.22 -7.93 23.85
CA GLY E 82 -16.39 -8.24 22.71
C GLY E 82 -15.63 -7.05 22.15
N ASP E 83 -15.95 -5.83 22.59
CA ASP E 83 -15.22 -4.65 22.14
C ASP E 83 -13.91 -4.45 22.88
N SER E 84 -13.61 -5.28 23.88
CA SER E 84 -12.36 -5.17 24.63
C SER E 84 -11.20 -5.56 23.72
N ALA E 85 -10.41 -4.57 23.31
CA ALA E 85 -9.31 -4.78 22.39
C ALA E 85 -8.40 -3.56 22.45
N LEU E 86 -7.36 -3.58 21.63
CA LEU E 86 -6.45 -2.46 21.47
C LEU E 86 -6.77 -1.73 20.17
N TYR E 87 -6.99 -0.42 20.25
CA TYR E 87 -7.40 0.38 19.10
C TYR E 87 -6.22 1.27 18.71
N PHE E 88 -5.68 1.04 17.52
CA PHE E 88 -4.53 1.78 17.02
C PHE E 88 -4.97 2.83 16.00
N CYS E 89 -4.18 3.90 15.92
CA CYS E 89 -4.38 4.95 14.94
C CYS E 89 -3.10 5.13 14.15
N ALA E 90 -3.22 5.11 12.82
CA ALA E 90 -2.08 5.31 11.94
C ALA E 90 -2.31 6.55 11.09
N SER E 91 -1.22 7.07 10.51
CA SER E 91 -1.30 8.25 9.66
C SER E 91 -0.26 8.15 8.56
N SER E 92 -0.63 8.61 7.37
CA SER E 92 0.25 8.65 6.22
C SER E 92 0.23 10.04 5.61
N VAL E 93 1.29 10.37 4.87
CA VAL E 93 1.39 11.68 4.22
C VAL E 93 0.18 11.92 3.32
N ALA E 94 -0.19 10.91 2.54
CA ALA E 94 -1.38 10.98 1.71
C ALA E 94 -1.97 9.59 1.50
N THR E 95 -2.33 9.26 0.26
CA THR E 95 -2.91 7.97 -0.07
C THR E 95 -2.02 7.16 -1.00
N TYR E 96 -0.71 7.40 -0.93
CA TYR E 96 0.21 6.75 -1.86
C TYR E 96 0.30 5.25 -1.60
N SER E 97 0.20 4.46 -2.67
CA SER E 97 0.38 3.03 -2.57
C SER E 97 1.84 2.63 -2.42
N THR E 98 2.76 3.57 -2.61
CA THR E 98 4.20 3.31 -2.50
C THR E 98 4.78 3.75 -1.17
N ASP E 99 3.97 4.35 -0.29
CA ASP E 99 4.44 4.84 1.00
C ASP E 99 3.75 4.05 2.12
N THR E 100 4.26 4.22 3.33
CA THR E 100 3.84 3.43 4.48
C THR E 100 2.96 4.27 5.41
N GLN E 101 2.45 3.60 6.44
CA GLN E 101 1.66 4.22 7.49
C GLN E 101 2.49 4.31 8.76
N TYR E 102 2.11 5.24 9.64
CA TYR E 102 2.84 5.50 10.88
C TYR E 102 1.86 5.39 12.04
N PHE E 103 2.04 4.37 12.87
CA PHE E 103 1.08 4.02 13.90
C PHE E 103 1.37 4.75 15.20
N GLY E 104 0.33 4.90 16.03
CA GLY E 104 0.46 5.48 17.34
C GLY E 104 0.64 4.41 18.40
N PRO E 105 0.67 4.83 19.66
CA PRO E 105 0.87 3.83 20.74
C PRO E 105 -0.33 2.94 20.95
N GLY E 106 -1.53 3.42 20.63
CA GLY E 106 -2.73 2.62 20.79
C GLY E 106 -3.48 2.96 22.06
N THR E 107 -4.77 2.61 22.07
CA THR E 107 -5.63 2.80 23.23
C THR E 107 -6.25 1.45 23.59
N ARG E 108 -5.96 0.96 24.80
CA ARG E 108 -6.49 -0.32 25.25
C ARG E 108 -7.83 -0.09 25.95
N LEU E 109 -8.86 -0.76 25.45
CA LEU E 109 -10.20 -0.66 25.99
C LEU E 109 -10.58 -1.98 26.67
N THR E 110 -11.15 -1.88 27.87
CA THR E 110 -11.61 -3.04 28.61
C THR E 110 -13.07 -2.81 29.00
N VAL E 111 -13.97 -3.65 28.50
CA VAL E 111 -15.39 -3.56 28.80
C VAL E 111 -15.74 -4.68 29.77
N LEU E 112 -16.37 -4.32 30.88
CA LEU E 112 -16.76 -5.27 31.91
C LEU E 112 -18.28 -5.30 32.04
N GLU E 113 -18.79 -6.42 32.54
CA GLU E 113 -20.21 -6.52 32.83
C GLU E 113 -20.63 -5.48 33.86
N ASP E 114 -19.90 -5.43 34.98
CA ASP E 114 -20.07 -4.38 35.98
C ASP E 114 -18.71 -4.06 36.57
N LEU E 115 -18.59 -2.85 37.12
CA LEU E 115 -17.35 -2.39 37.71
C LEU E 115 -17.18 -2.81 39.16
N LYS E 116 -17.97 -3.79 39.62
CA LYS E 116 -17.91 -4.22 41.01
C LYS E 116 -16.66 -5.04 41.31
N ASN E 117 -15.96 -5.54 40.30
CA ASN E 117 -14.79 -6.40 40.51
C ASN E 117 -13.48 -5.67 40.24
N VAL E 118 -13.50 -4.35 40.08
CA VAL E 118 -12.29 -3.58 39.87
C VAL E 118 -11.59 -3.39 41.21
N PHE E 119 -10.30 -3.73 41.26
CA PHE E 119 -9.53 -3.63 42.49
C PHE E 119 -8.16 -3.03 42.22
N PRO E 120 -7.68 -2.13 43.08
CA PRO E 120 -6.33 -1.61 42.93
C PRO E 120 -5.30 -2.65 43.35
N PRO E 121 -4.05 -2.51 42.91
CA PRO E 121 -3.03 -3.49 43.28
C PRO E 121 -2.34 -3.17 44.60
N GLU E 122 -1.97 -4.24 45.30
CA GLU E 122 -1.11 -4.15 46.47
C GLU E 122 0.31 -4.48 46.03
N VAL E 123 1.20 -3.50 46.07
CA VAL E 123 2.56 -3.66 45.59
C VAL E 123 3.50 -3.76 46.77
N ALA E 124 4.60 -4.48 46.58
CA ALA E 124 5.58 -4.68 47.62
C ALA E 124 6.95 -4.85 46.98
N VAL E 125 7.99 -4.58 47.77
CA VAL E 125 9.38 -4.70 47.32
C VAL E 125 10.11 -5.64 48.26
N PHE E 126 10.79 -6.63 47.69
CA PHE E 126 11.52 -7.63 48.45
C PHE E 126 13.01 -7.37 48.31
N GLU E 127 13.70 -7.22 49.44
CA GLU E 127 15.09 -6.82 49.46
C GLU E 127 16.00 -7.95 49.00
N PRO E 128 17.16 -7.61 48.42
CA PRO E 128 18.03 -8.64 47.85
C PRO E 128 18.53 -9.63 48.89
N SER E 129 18.87 -10.82 48.42
CA SER E 129 19.37 -11.88 49.29
C SER E 129 20.84 -11.64 49.63
N GLU E 130 21.19 -11.90 50.90
CA GLU E 130 22.59 -11.78 51.30
C GLU E 130 23.45 -12.82 50.62
N ALA E 131 22.91 -13.99 50.33
CA ALA E 131 23.68 -15.02 49.64
C ALA E 131 24.00 -14.60 48.21
N GLU E 132 23.02 -14.02 47.52
CA GLU E 132 23.24 -13.58 46.14
C GLU E 132 24.26 -12.44 46.09
N ILE E 133 24.22 -11.53 47.06
CA ILE E 133 25.18 -10.43 47.10
C ILE E 133 26.60 -10.95 47.26
N SER E 134 26.78 -11.96 48.11
CA SER E 134 28.11 -12.51 48.34
C SER E 134 28.55 -13.45 47.22
N HIS E 135 27.60 -14.09 46.54
CA HIS E 135 27.93 -15.10 45.54
C HIS E 135 28.12 -14.52 44.15
N THR E 136 27.30 -13.54 43.76
CA THR E 136 27.33 -12.99 42.41
C THR E 136 27.86 -11.57 42.36
N GLN E 137 28.15 -10.95 43.50
CA GLN E 137 28.64 -9.57 43.56
C GLN E 137 27.66 -8.60 42.90
N LYS E 138 26.37 -8.87 43.08
CA LYS E 138 25.31 -7.98 42.61
C LYS E 138 24.03 -8.32 43.38
N ALA E 139 23.10 -7.38 43.38
CA ALA E 139 21.88 -7.48 44.18
C ALA E 139 20.66 -7.36 43.29
N THR E 140 19.63 -8.15 43.60
CA THR E 140 18.38 -8.15 42.85
C THR E 140 17.23 -7.80 43.78
N LEU E 141 16.52 -6.73 43.47
CA LEU E 141 15.25 -6.41 44.13
C LEU E 141 14.11 -6.90 43.26
N VAL E 142 13.03 -7.31 43.90
CA VAL E 142 11.87 -7.87 43.20
C VAL E 142 10.61 -7.18 43.72
N CYS E 143 9.76 -6.74 42.80
CA CYS E 143 8.52 -6.06 43.11
C CYS E 143 7.34 -6.94 42.73
N LEU E 144 6.35 -7.02 43.62
CA LEU E 144 5.16 -7.83 43.40
C LEU E 144 3.92 -6.97 43.56
N ALA E 145 3.22 -6.73 42.44
CA ALA E 145 1.91 -6.11 42.46
C ALA E 145 0.86 -7.21 42.38
N THR E 146 -0.05 -7.24 43.36
CA THR E 146 -0.98 -8.35 43.49
C THR E 146 -2.39 -7.84 43.77
N GLY E 147 -3.37 -8.65 43.36
CA GLY E 147 -4.76 -8.38 43.71
C GLY E 147 -5.43 -7.27 42.93
N PHE E 148 -5.09 -7.08 41.67
CA PHE E 148 -5.66 -6.02 40.85
C PHE E 148 -6.50 -6.62 39.72
N PHE E 149 -7.44 -5.82 39.24
CA PHE E 149 -8.36 -6.20 38.17
C PHE E 149 -8.96 -4.95 37.56
N PRO E 150 -8.91 -4.77 36.24
CA PRO E 150 -8.29 -5.67 35.26
C PRO E 150 -6.77 -5.57 35.24
N ASP E 151 -6.12 -6.19 34.26
CA ASP E 151 -4.66 -6.14 34.14
C ASP E 151 -4.17 -4.86 33.47
N HIS E 152 -4.76 -3.72 33.82
CA HIS E 152 -4.30 -2.42 33.33
C HIS E 152 -3.30 -1.85 34.34
N VAL E 153 -2.05 -2.30 34.21
CA VAL E 153 -0.98 -1.90 35.10
C VAL E 153 0.26 -1.57 34.28
N GLU E 154 1.08 -0.66 34.82
CA GLU E 154 2.34 -0.26 34.20
C GLU E 154 3.36 -0.08 35.32
N LEU E 155 4.30 -1.03 35.43
CA LEU E 155 5.27 -1.02 36.51
C LEU E 155 6.54 -0.32 36.05
N SER E 156 7.07 0.55 36.90
CA SER E 156 8.32 1.25 36.64
C SER E 156 9.15 1.30 37.91
N TRP E 157 10.47 1.40 37.74
CA TRP E 157 11.40 1.50 38.84
C TRP E 157 12.02 2.90 38.86
N TRP E 158 12.25 3.43 40.06
CA TRP E 158 12.75 4.78 40.23
C TRP E 158 13.87 4.78 41.26
N VAL E 159 15.11 4.77 40.78
CA VAL E 159 16.29 4.87 41.64
C VAL E 159 16.58 6.36 41.83
N ASN E 160 16.25 6.88 43.02
CA ASN E 160 16.45 8.29 43.38
C ASN E 160 15.69 9.22 42.43
N GLY E 161 14.39 8.98 42.31
CA GLY E 161 13.54 9.86 41.54
C GLY E 161 13.78 9.88 40.04
N LYS E 162 14.50 8.88 39.52
CA LYS E 162 14.76 8.78 38.09
C LYS E 162 14.37 7.38 37.63
N GLU E 163 13.48 7.30 36.65
CA GLU E 163 13.03 6.01 36.15
C GLU E 163 14.19 5.24 35.53
N VAL E 164 14.45 4.05 36.04
CA VAL E 164 15.52 3.20 35.55
C VAL E 164 14.95 2.19 34.56
N HIS E 165 15.72 1.89 33.52
CA HIS E 165 15.41 0.80 32.61
C HIS E 165 16.53 -0.22 32.51
N SER E 166 17.77 0.15 32.86
CA SER E 166 18.86 -0.82 32.91
C SER E 166 18.69 -1.74 34.10
N GLY E 167 18.96 -3.03 33.89
CA GLY E 167 18.86 -4.01 34.96
C GLY E 167 17.43 -4.29 35.37
N VAL E 168 16.49 -3.64 34.68
CA VAL E 168 15.06 -3.76 34.96
C VAL E 168 14.44 -4.67 33.92
N CYS E 169 13.75 -5.70 34.38
CA CYS E 169 12.93 -6.54 33.52
C CYS E 169 11.60 -6.78 34.24
N THR E 170 10.51 -6.67 33.50
CA THR E 170 9.17 -6.83 34.04
C THR E 170 8.45 -7.96 33.29
N ASP E 171 7.57 -8.65 33.98
CA ASP E 171 6.80 -9.72 33.36
C ASP E 171 6.01 -9.16 32.17
N PRO E 172 6.06 -9.81 31.00
CA PRO E 172 5.31 -9.27 29.85
C PRO E 172 3.80 -9.33 30.03
N GLN E 173 3.29 -10.28 30.80
CA GLN E 173 1.86 -10.42 31.02
C GLN E 173 1.61 -10.79 32.48
N PRO E 174 0.59 -10.21 33.11
CA PRO E 174 0.24 -10.60 34.47
C PRO E 174 -0.30 -12.03 34.52
N LEU E 175 -0.29 -12.59 35.73
CA LEU E 175 -0.76 -13.95 35.96
C LEU E 175 -2.01 -13.92 36.84
N LYS E 176 -2.89 -14.90 36.62
CA LYS E 176 -4.10 -15.02 37.40
C LYS E 176 -3.78 -15.65 38.76
N GLU E 177 -4.27 -15.02 39.83
CA GLU E 177 -4.05 -15.57 41.17
C GLU E 177 -4.94 -16.78 41.44
N GLN E 178 -6.11 -16.85 40.82
CA GLN E 178 -7.02 -17.99 40.92
C GLN E 178 -7.49 -18.35 39.52
N PRO E 179 -6.65 -19.00 38.72
CA PRO E 179 -7.05 -19.36 37.35
C PRO E 179 -8.24 -20.29 37.27
N ALA E 180 -8.86 -20.67 38.38
CA ALA E 180 -10.08 -21.45 38.35
C ALA E 180 -11.33 -20.58 38.34
N LEU E 181 -11.25 -19.37 38.88
CA LEU E 181 -12.38 -18.44 38.88
C LEU E 181 -12.29 -17.51 37.69
N ASN E 182 -13.46 -17.05 37.22
CA ASN E 182 -13.52 -16.27 36.00
C ASN E 182 -13.02 -14.84 36.22
N ASP E 183 -13.65 -14.11 37.14
CA ASP E 183 -13.22 -12.75 37.49
C ASP E 183 -11.97 -12.74 38.37
N SER E 184 -11.01 -13.61 38.08
CA SER E 184 -9.83 -13.73 38.92
C SER E 184 -8.95 -12.48 38.82
N ARG E 185 -8.43 -12.06 39.96
CA ARG E 185 -7.51 -10.93 39.99
C ARG E 185 -6.12 -11.36 39.51
N TYR E 186 -5.28 -10.36 39.24
CA TYR E 186 -4.00 -10.60 38.60
C TYR E 186 -2.83 -10.28 39.53
N ALA E 187 -1.67 -10.78 39.16
CA ALA E 187 -0.41 -10.50 39.86
C ALA E 187 0.70 -10.31 38.84
N LEU E 188 1.73 -9.58 39.24
CA LEU E 188 2.83 -9.25 38.35
C LEU E 188 4.10 -9.06 39.15
N SER E 189 5.23 -9.41 38.56
CA SER E 189 6.52 -9.31 39.24
C SER E 189 7.56 -8.70 38.30
N SER E 190 8.40 -7.83 38.85
CA SER E 190 9.50 -7.22 38.12
C SER E 190 10.76 -7.29 38.96
N ARG E 191 11.90 -7.09 38.29
CA ARG E 191 13.20 -7.24 38.92
C ARG E 191 14.06 -6.03 38.59
N LEU E 192 14.78 -5.53 39.60
CA LEU E 192 15.79 -4.50 39.42
C LEU E 192 17.10 -5.02 40.00
N ARG E 193 18.09 -5.23 39.14
CA ARG E 193 19.39 -5.74 39.55
C ARG E 193 20.38 -4.59 39.61
N VAL E 194 20.85 -4.27 40.82
CA VAL E 194 21.88 -3.26 41.02
C VAL E 194 23.17 -3.95 41.43
N SER E 195 24.23 -3.18 41.61
CA SER E 195 25.49 -3.74 42.07
C SER E 195 25.44 -4.04 43.56
N ALA E 196 26.26 -5.00 43.99
CA ALA E 196 26.35 -5.32 45.41
C ALA E 196 26.83 -4.13 46.21
N THR E 197 27.80 -3.37 45.67
CA THR E 197 28.24 -2.15 46.33
C THR E 197 27.21 -1.04 46.20
N PHE E 198 26.45 -1.02 45.10
CA PHE E 198 25.45 0.02 44.92
C PHE E 198 24.26 -0.18 45.86
N TRP E 199 24.00 -1.42 46.27
CA TRP E 199 22.91 -1.68 47.21
C TRP E 199 23.33 -1.41 48.66
N GLN E 200 24.60 -1.63 48.99
CA GLN E 200 25.08 -1.33 50.34
C GLN E 200 25.02 0.16 50.65
N ASN E 201 24.95 1.01 49.65
CA ASN E 201 24.89 2.45 49.86
C ASN E 201 23.55 2.82 50.48
N PRO E 202 23.52 3.42 51.68
CA PRO E 202 22.23 3.72 52.32
C PRO E 202 21.52 4.94 51.76
N ARG E 203 22.22 5.85 51.08
CA ARG E 203 21.62 7.06 50.55
C ARG E 203 20.90 6.84 49.23
N ASN E 204 20.72 5.60 48.81
CA ASN E 204 20.06 5.29 47.54
C ASN E 204 18.61 4.91 47.81
N HIS E 205 17.69 5.55 47.08
CA HIS E 205 16.26 5.32 47.22
C HIS E 205 15.77 4.43 46.09
N PHE E 206 15.23 3.26 46.44
CA PHE E 206 14.64 2.35 45.48
C PHE E 206 13.14 2.31 45.68
N ARG E 207 12.39 2.54 44.61
CA ARG E 207 10.94 2.66 44.70
C ARG E 207 10.31 2.02 43.47
N CYS E 208 9.44 1.02 43.71
CA CYS E 208 8.68 0.38 42.65
C CYS E 208 7.35 1.10 42.50
N GLN E 209 7.11 1.67 41.32
CA GLN E 209 5.88 2.40 41.04
C GLN E 209 5.01 1.59 40.09
N VAL E 210 3.75 1.40 40.46
CA VAL E 210 2.79 0.66 39.66
C VAL E 210 1.61 1.59 39.38
N GLN E 211 1.54 2.10 38.15
CA GLN E 211 0.41 2.92 37.73
C GLN E 211 -0.76 2.00 37.39
N PHE E 212 -1.87 2.16 38.11
CA PHE E 212 -3.05 1.32 37.93
C PHE E 212 -4.16 2.14 37.30
N TYR E 213 -4.77 1.59 36.25
CA TYR E 213 -5.85 2.25 35.52
C TYR E 213 -7.17 1.59 35.91
N GLY E 214 -7.89 2.23 36.83
CA GLY E 214 -9.20 1.75 37.23
C GLY E 214 -10.31 2.66 36.78
N LEU E 215 -11.21 3.00 37.70
CA LEU E 215 -12.28 3.92 37.37
C LEU E 215 -11.73 5.35 37.24
N SER E 216 -12.55 6.23 36.66
CA SER E 216 -12.22 7.65 36.58
C SER E 216 -12.86 8.39 37.74
N GLU E 217 -12.43 9.64 37.92
CA GLU E 217 -13.03 10.49 38.94
C GLU E 217 -14.52 10.68 38.72
N ASN E 218 -14.96 10.65 37.46
CA ASN E 218 -16.35 10.87 37.09
C ASN E 218 -17.19 9.59 37.14
N ASP E 219 -16.61 8.46 37.51
CA ASP E 219 -17.32 7.19 37.50
C ASP E 219 -18.11 7.00 38.80
N GLU E 220 -19.23 6.29 38.67
CA GLU E 220 -20.12 6.05 39.80
C GLU E 220 -19.58 4.91 40.66
N TRP E 221 -19.91 4.97 41.95
CA TRP E 221 -19.49 3.94 42.89
C TRP E 221 -20.48 3.90 44.05
N THR E 222 -21.22 2.80 44.16
CA THR E 222 -22.18 2.61 45.24
C THR E 222 -21.72 1.60 46.28
N GLN E 223 -20.67 0.84 45.99
CA GLN E 223 -20.16 -0.14 46.94
C GLN E 223 -19.54 0.55 48.15
N ASP E 224 -19.52 -0.16 49.27
CA ASP E 224 -19.05 0.42 50.52
C ASP E 224 -17.54 0.51 50.60
N ARG E 225 -16.81 -0.32 49.87
CA ARG E 225 -15.36 -0.23 49.87
C ARG E 225 -14.90 0.98 49.05
N ALA E 226 -13.62 1.32 49.20
CA ALA E 226 -13.07 2.51 48.55
C ALA E 226 -13.13 2.37 47.04
N LYS E 227 -13.29 3.52 46.38
CA LYS E 227 -13.43 3.55 44.92
C LYS E 227 -12.13 3.09 44.25
N PRO E 228 -12.16 2.04 43.42
CA PRO E 228 -10.93 1.62 42.73
C PRO E 228 -10.58 2.56 41.59
N VAL E 229 -10.28 3.82 41.93
CA VAL E 229 -9.99 4.82 40.90
C VAL E 229 -8.60 4.59 40.31
N THR E 230 -8.37 5.20 39.14
CA THR E 230 -7.04 5.19 38.53
C THR E 230 -6.02 5.79 39.48
N GLN E 231 -5.23 4.94 40.14
CA GLN E 231 -4.33 5.36 41.20
C GLN E 231 -2.96 4.72 40.98
N ILE E 232 -1.98 5.25 41.71
CA ILE E 232 -0.60 4.76 41.66
C ILE E 232 -0.25 4.23 43.05
N VAL E 233 0.01 2.92 43.13
CA VAL E 233 0.40 2.27 44.37
C VAL E 233 1.90 1.99 44.31
N SER E 234 2.63 2.51 45.29
CA SER E 234 4.09 2.44 45.29
C SER E 234 4.59 1.75 46.54
N ALA E 235 5.69 1.00 46.39
CA ALA E 235 6.40 0.40 47.51
C ALA E 235 7.88 0.72 47.35
N GLU E 236 8.53 1.04 48.46
CA GLU E 236 9.89 1.55 48.43
C GLU E 236 10.79 0.74 49.33
N ALA E 237 12.09 0.73 49.00
CA ALA E 237 13.13 0.13 49.81
C ALA E 237 14.39 0.98 49.69
N TRP E 238 15.18 1.01 50.77
CA TRP E 238 16.39 1.80 50.80
C TRP E 238 17.60 0.88 50.99
N GLY E 239 18.74 1.34 50.49
CA GLY E 239 19.96 0.55 50.59
C GLY E 239 20.38 0.32 52.02
N ARG E 240 21.11 -0.77 52.22
CA ARG E 240 21.55 -1.17 53.54
C ARG E 240 22.73 -2.11 53.41
N ALA E 241 23.82 -1.79 54.12
CA ALA E 241 25.02 -2.63 54.11
C ALA E 241 24.81 -3.88 54.95
#